data_4CYS
#
_entry.id   4CYS
#
_cell.length_a   186.965
_cell.length_b   66.702
_cell.length_c   89.645
_cell.angle_alpha   90.00
_cell.angle_beta   94.04
_cell.angle_gamma   90.00
#
_symmetry.space_group_name_H-M   'C 1 2 1'
#
loop_
_entity.id
_entity.type
_entity.pdbx_description
1 polymer ARYLSULFATASE
2 non-polymer 'CALCIUM ION'
3 non-polymer 'phenylphosphonic acid'
4 non-polymer DI(HYDROXYETHYL)ETHER
5 non-polymer 'AMMONIUM ION'
6 water water
#
_entity_poly.entity_id   1
_entity_poly.type   'polypeptide(L)'
_entity_poly.pdbx_seq_one_letter_code
;MSKRPNFLVIVADDLGFSDIGAFGGEIATPNLDALAIAGLRLTDFHTASA(DDZ)SPTRSMLLTGTDHHIAGIGTVAEAL
TPELEGKPGYEGHLNERVVALPELLREAGYQTLMAGKWHLGLKPEQTPHARGFERSFSLLPGAANHYGFEPPYDESTPRI
LKGTPALYVEDERYLDTLPEGFYSSDAFGDKLLQYLKERDQSRPFFAYLPFSAPHWPLQAPREIVEKYRGRYDAGPEALR
QERLARLKELGLVEADVEAHPVLALTREWEALEDEERAKSARAMEVYAAMVERMDWNIGRVVDYLRRQGELDNTFVLFMS
DNGAEGALLEAFPKFGPDLLDFLDRHYDNSLENIGSANSYVWYGPRWAQAATAPSRLYKAFTTQGGIRVPALVRYPRLSR
QGAISHAFATVMDVTPTLLDLAGVRHPGKRWRGREIAEPRGRSWLGWLSGETEAAHDENTVTGWGLFGMRAIRQGDWKAV
YLPAPVGPATWQLYDLARDPGEIHDLADSQPGKLAELIEHWKRYVSDTGVVEGASPFLVR
;
_entity_poly.pdbx_strand_id   A,B
#
loop_
_chem_comp.id
_chem_comp.type
_chem_comp.name
_chem_comp.formula
CA non-polymer 'CALCIUM ION' 'Ca 2'
NH4 non-polymer 'AMMONIUM ION' 'H4 N 1'
PEG non-polymer DI(HYDROXYETHYL)ETHER 'C4 H10 O3'
SV7 non-polymer 'phenylphosphonic acid' 'C6 H7 O3 P'
#
# COMPACT_ATOMS: atom_id res chain seq x y z
N LYS A 3 18.23 3.21 -15.21
CA LYS A 3 17.94 1.76 -15.43
C LYS A 3 16.60 1.61 -16.14
N ARG A 4 16.53 0.60 -17.01
CA ARG A 4 15.28 0.32 -17.72
C ARG A 4 14.32 -0.39 -16.77
N PRO A 5 13.03 0.00 -16.77
CA PRO A 5 12.06 -0.68 -15.90
C PRO A 5 11.73 -2.09 -16.33
N ASN A 6 11.36 -2.91 -15.36
CA ASN A 6 10.64 -4.14 -15.63
C ASN A 6 9.15 -3.82 -15.95
N PHE A 7 8.44 -4.80 -16.51
CA PHE A 7 7.00 -4.72 -16.79
C PHE A 7 6.28 -5.91 -16.17
N LEU A 8 5.16 -5.67 -15.52
CA LEU A 8 4.33 -6.75 -14.98
C LEU A 8 2.94 -6.45 -15.46
N VAL A 9 2.53 -7.22 -16.46
CA VAL A 9 1.25 -7.07 -17.03
C VAL A 9 0.36 -8.23 -16.59
N ILE A 10 -0.66 -7.89 -15.80
CA ILE A 10 -1.56 -8.86 -15.18
C ILE A 10 -2.95 -8.63 -15.80
N VAL A 11 -3.52 -9.75 -16.29
CA VAL A 11 -4.81 -9.70 -16.96
C VAL A 11 -5.73 -10.71 -16.25
N ALA A 12 -6.85 -10.19 -15.72
CA ALA A 12 -7.94 -10.99 -15.21
C ALA A 12 -8.89 -11.37 -16.39
N ASP A 13 -9.52 -12.54 -16.26
CA ASP A 13 -10.33 -13.08 -17.33
C ASP A 13 -11.83 -12.99 -16.96
N ASP A 14 -12.53 -12.01 -17.53
CA ASP A 14 -13.98 -11.77 -17.30
C ASP A 14 -14.26 -11.12 -15.97
N LEU A 15 -13.24 -10.57 -15.33
CA LEU A 15 -13.43 -9.85 -14.12
C LEU A 15 -14.25 -8.61 -14.43
N GLY A 16 -15.21 -8.27 -13.57
CA GLY A 16 -16.05 -7.06 -13.80
C GLY A 16 -15.53 -5.74 -13.25
N PHE A 17 -16.07 -4.65 -13.76
CA PHE A 17 -15.56 -3.32 -13.45
C PHE A 17 -15.51 -2.97 -11.95
N SER A 18 -16.58 -3.24 -11.20
CA SER A 18 -16.62 -2.91 -9.73
C SER A 18 -16.34 -4.08 -8.75
N ASP A 19 -15.70 -5.16 -9.20
CA ASP A 19 -15.43 -6.34 -8.35
C ASP A 19 -14.34 -6.05 -7.31
N ILE A 20 -13.25 -5.43 -7.72
CA ILE A 20 -12.06 -5.13 -6.83
C ILE A 20 -12.46 -4.08 -5.82
N GLY A 21 -11.94 -4.21 -4.61
CA GLY A 21 -12.21 -3.26 -3.52
C GLY A 21 -12.01 -1.79 -3.97
N ALA A 22 -10.89 -1.53 -4.62
CA ALA A 22 -10.58 -0.13 -5.00
C ALA A 22 -11.41 0.39 -6.16
N PHE A 23 -12.16 -0.51 -6.80
CA PHE A 23 -13.10 -0.15 -7.82
C PHE A 23 -14.56 -0.32 -7.35
N GLY A 24 -14.77 -0.33 -6.05
CA GLY A 24 -16.15 -0.28 -5.50
C GLY A 24 -16.65 -1.61 -4.95
N GLY A 25 -15.81 -2.66 -4.96
CA GLY A 25 -16.28 -4.02 -4.62
C GLY A 25 -16.11 -4.43 -3.19
N GLU A 26 -16.86 -5.47 -2.83
CA GLU A 26 -16.84 -6.12 -1.48
C GLU A 26 -15.93 -7.34 -1.44
N ILE A 27 -15.38 -7.74 -2.59
CA ILE A 27 -14.51 -8.92 -2.66
C ILE A 27 -13.16 -8.52 -2.07
N ALA A 28 -12.55 -9.40 -1.25
CA ALA A 28 -11.27 -9.07 -0.60
C ALA A 28 -10.17 -9.09 -1.67
N THR A 29 -9.65 -7.94 -2.01
CA THR A 29 -8.53 -7.82 -2.98
C THR A 29 -7.48 -6.89 -2.44
N PRO A 30 -6.92 -7.23 -1.29
CA PRO A 30 -5.98 -6.29 -0.64
C PRO A 30 -4.74 -5.93 -1.45
N ASN A 31 -4.21 -6.89 -2.18
CA ASN A 31 -3.04 -6.67 -3.00
C ASN A 31 -3.28 -5.74 -4.17
N LEU A 32 -4.35 -5.98 -4.88
CA LEU A 32 -4.72 -5.12 -5.98
C LEU A 32 -5.13 -3.70 -5.49
N ASP A 33 -5.77 -3.63 -4.34
CA ASP A 33 -6.18 -2.37 -3.80
C ASP A 33 -4.97 -1.48 -3.53
N ALA A 34 -3.92 -2.07 -3.00
CA ALA A 34 -2.71 -1.32 -2.62
C ALA A 34 -2.04 -0.70 -3.86
N LEU A 35 -1.95 -1.53 -4.90
CA LEU A 35 -1.52 -1.10 -6.25
C LEU A 35 -2.43 -0.02 -6.87
N ALA A 36 -3.75 -0.21 -6.76
CA ALA A 36 -4.70 0.73 -7.40
C ALA A 36 -4.67 2.07 -6.71
N ILE A 37 -4.66 2.05 -5.37
CA ILE A 37 -4.78 3.35 -4.68
C ILE A 37 -3.51 4.15 -4.75
N ALA A 38 -2.35 3.49 -4.68
CA ALA A 38 -1.06 4.14 -4.92
C ALA A 38 -0.91 4.59 -6.35
N GLY A 39 -1.44 3.80 -7.27
CA GLY A 39 -1.29 4.08 -8.70
C GLY A 39 -2.44 4.87 -9.27
N LEU A 40 -2.72 4.67 -10.58
CA LEU A 40 -3.71 5.40 -11.25
C LEU A 40 -4.79 4.45 -11.70
N ARG A 41 -6.01 4.70 -11.22
CA ARG A 41 -7.15 3.94 -11.66
C ARG A 41 -7.78 4.58 -12.85
N LEU A 42 -8.08 3.74 -13.87
CA LEU A 42 -8.68 4.18 -15.14
C LEU A 42 -10.15 3.74 -15.16
N THR A 43 -11.06 4.70 -15.40
CA THR A 43 -12.48 4.47 -15.61
C THR A 43 -12.93 4.52 -17.07
N ASP A 44 -12.03 4.83 -18.00
CA ASP A 44 -12.40 4.96 -19.41
C ASP A 44 -11.38 4.24 -20.26
N PHE A 45 -10.94 3.10 -19.73
CA PHE A 45 -10.02 2.20 -20.41
C PHE A 45 -10.83 1.08 -21.02
N HIS A 46 -10.48 0.78 -22.28
CA HIS A 46 -11.25 -0.09 -23.16
C HIS A 46 -10.45 -1.25 -23.76
N THR A 47 -11.09 -2.41 -23.79
CA THR A 47 -10.63 -3.59 -24.53
C THR A 47 -11.55 -3.83 -25.69
N ALA A 48 -11.39 -4.99 -26.33
CA ALA A 48 -12.41 -5.58 -27.16
C ALA A 48 -13.40 -6.29 -26.27
N SER A 49 -14.41 -6.91 -26.91
CA SER A 49 -15.55 -7.40 -26.18
C SER A 49 -15.39 -8.84 -25.77
N ALA A 50 -14.28 -9.46 -26.19
CA ALA A 50 -14.02 -10.79 -25.83
C ALA A 50 -12.50 -11.06 -25.73
N DDZ A 51 -12.21 -12.16 -25.07
CA DDZ A 51 -10.88 -12.58 -24.64
C DDZ A 51 -9.78 -12.55 -25.71
O DDZ A 51 -8.82 -11.89 -25.53
OG1 DDZ A 51 -12.04 -14.16 -23.08
OG2 DDZ A 51 -9.67 -14.62 -23.89
CB DDZ A 51 -11.00 -14.01 -24.12
N SER A 52 -9.91 -13.34 -26.80
CA SER A 52 -8.79 -13.46 -27.76
C SER A 52 -8.57 -12.23 -28.59
N PRO A 53 -9.64 -11.54 -29.02
CA PRO A 53 -9.49 -10.24 -29.66
C PRO A 53 -8.70 -9.28 -28.76
N THR A 54 -9.12 -9.12 -27.50
CA THR A 54 -8.38 -8.24 -26.58
C THR A 54 -6.87 -8.66 -26.42
N ARG A 55 -6.60 -9.95 -26.24
CA ARG A 55 -5.25 -10.40 -26.04
C ARG A 55 -4.37 -10.10 -27.29
N SER A 56 -4.93 -10.24 -28.49
CA SER A 56 -4.19 -9.96 -29.74
C SER A 56 -3.84 -8.49 -29.86
N MET A 57 -4.73 -7.67 -29.33
CA MET A 57 -4.49 -6.24 -29.33
C MET A 57 -3.48 -5.80 -28.27
N LEU A 58 -3.62 -6.39 -27.08
CA LEU A 58 -2.73 -6.05 -25.97
C LEU A 58 -1.25 -6.33 -26.39
N LEU A 59 -1.03 -7.44 -27.04
CA LEU A 59 0.36 -7.80 -27.39
C LEU A 59 0.88 -7.28 -28.70
N THR A 60 0.08 -6.47 -29.42
CA THR A 60 0.52 -5.89 -30.68
C THR A 60 0.45 -4.34 -30.79
N GLY A 61 -0.51 -3.73 -30.11
CA GLY A 61 -0.80 -2.30 -30.30
C GLY A 61 -1.66 -1.98 -31.50
N THR A 62 -2.18 -3.01 -32.18
CA THR A 62 -3.19 -2.79 -33.23
C THR A 62 -4.51 -3.58 -32.98
N ASP A 63 -5.41 -3.44 -33.93
CA ASP A 63 -6.78 -3.99 -33.84
C ASP A 63 -6.82 -5.50 -34.13
N HIS A 64 -7.73 -6.19 -33.47
CA HIS A 64 -7.75 -7.67 -33.55
C HIS A 64 -8.09 -8.19 -34.97
N HIS A 65 -8.74 -7.36 -35.79
CA HIS A 65 -9.11 -7.80 -37.17
C HIS A 65 -7.83 -7.83 -38.02
N ILE A 66 -6.83 -7.02 -37.66
CA ILE A 66 -5.52 -7.07 -38.31
C ILE A 66 -4.65 -8.22 -37.74
N ALA A 67 -4.65 -8.35 -36.41
CA ALA A 67 -3.70 -9.25 -35.72
C ALA A 67 -3.99 -10.75 -35.78
N GLY A 68 -5.14 -11.15 -36.35
CA GLY A 68 -5.42 -12.56 -36.53
C GLY A 68 -6.65 -13.14 -35.86
N ILE A 69 -7.38 -12.31 -35.07
CA ILE A 69 -8.52 -12.79 -34.29
C ILE A 69 -9.70 -11.93 -34.70
N GLY A 70 -9.98 -11.90 -36.00
CA GLY A 70 -11.07 -11.07 -36.51
C GLY A 70 -12.37 -11.54 -35.91
N THR A 71 -12.47 -12.84 -35.64
CA THR A 71 -13.49 -13.33 -34.77
C THR A 71 -12.80 -14.41 -33.90
N VAL A 72 -13.52 -14.87 -32.89
CA VAL A 72 -13.01 -15.88 -31.97
C VAL A 72 -12.89 -17.22 -32.76
N ALA A 73 -11.80 -17.91 -32.56
CA ALA A 73 -11.45 -19.07 -33.39
C ALA A 73 -12.56 -20.13 -33.33
N GLU A 74 -13.16 -20.25 -32.16
CA GLU A 74 -14.10 -21.29 -31.85
C GLU A 74 -15.41 -21.10 -32.56
N ALA A 75 -15.55 -19.99 -33.29
CA ALA A 75 -16.78 -19.67 -33.97
C ALA A 75 -16.54 -19.07 -35.36
N LEU A 76 -15.47 -19.53 -36.02
CA LEU A 76 -15.22 -19.20 -37.40
C LEU A 76 -16.27 -19.85 -38.30
N THR A 77 -16.88 -19.05 -39.17
CA THR A 77 -17.87 -19.55 -40.14
C THR A 77 -17.18 -19.73 -41.54
N PRO A 78 -17.91 -20.25 -42.56
CA PRO A 78 -17.23 -20.48 -43.87
C PRO A 78 -16.85 -19.21 -44.64
N GLU A 79 -17.72 -18.20 -44.59
CA GLU A 79 -17.46 -16.93 -45.26
C GLU A 79 -16.34 -16.11 -44.59
N LEU A 80 -15.95 -16.48 -43.37
CA LEU A 80 -14.87 -15.80 -42.62
C LEU A 80 -13.55 -16.53 -42.73
N GLU A 81 -13.57 -17.85 -42.84
CA GLU A 81 -12.33 -18.61 -42.91
C GLU A 81 -11.62 -18.25 -44.22
N GLY A 82 -10.30 -18.09 -44.15
CA GLY A 82 -9.50 -17.61 -45.28
C GLY A 82 -9.27 -16.10 -45.35
N LYS A 83 -10.14 -15.30 -44.71
CA LYS A 83 -9.99 -13.83 -44.76
C LYS A 83 -8.78 -13.38 -43.94
N PRO A 84 -8.04 -12.38 -44.46
CA PRO A 84 -6.87 -11.93 -43.72
C PRO A 84 -7.28 -11.31 -42.37
N GLY A 85 -6.58 -11.75 -41.32
CA GLY A 85 -6.84 -11.30 -39.96
C GLY A 85 -7.82 -12.20 -39.26
N TYR A 86 -8.40 -13.14 -40.01
CA TYR A 86 -9.33 -14.12 -39.45
C TYR A 86 -8.70 -15.50 -39.32
N GLU A 87 -7.37 -15.56 -39.20
CA GLU A 87 -6.69 -16.83 -39.05
C GLU A 87 -7.09 -17.64 -37.80
N GLY A 88 -7.59 -16.99 -36.75
CA GLY A 88 -7.85 -17.66 -35.46
C GLY A 88 -6.65 -17.83 -34.53
N HIS A 89 -5.51 -17.28 -34.91
CA HIS A 89 -4.36 -17.21 -34.01
C HIS A 89 -3.66 -15.91 -34.31
N LEU A 90 -2.73 -15.53 -33.43
CA LEU A 90 -1.91 -14.38 -33.66
C LEU A 90 -1.12 -14.66 -34.93
N ASN A 91 -1.19 -13.74 -35.88
CA ASN A 91 -0.68 -14.04 -37.22
C ASN A 91 0.70 -13.41 -37.45
N GLU A 92 1.23 -13.55 -38.66
CA GLU A 92 2.55 -13.03 -38.99
C GLU A 92 2.50 -11.70 -39.68
N ARG A 93 1.32 -11.08 -39.71
CA ARG A 93 1.19 -9.69 -40.15
C ARG A 93 1.43 -8.72 -39.02
N VAL A 94 1.73 -9.28 -37.85
CA VAL A 94 2.11 -8.50 -36.66
C VAL A 94 3.31 -9.04 -35.96
N VAL A 95 4.00 -8.14 -35.27
CA VAL A 95 5.05 -8.54 -34.34
C VAL A 95 4.50 -8.29 -32.92
N ALA A 96 4.74 -9.25 -32.05
CA ALA A 96 4.26 -9.17 -30.68
C ALA A 96 5.26 -8.35 -29.78
N LEU A 97 4.69 -7.65 -28.80
CA LEU A 97 5.52 -7.00 -27.71
C LEU A 97 6.71 -7.81 -27.14
N PRO A 98 6.48 -9.03 -26.67
CA PRO A 98 7.61 -9.81 -26.18
C PRO A 98 8.70 -10.09 -27.18
N GLU A 99 8.30 -10.27 -28.44
CA GLU A 99 9.30 -10.47 -29.51
C GLU A 99 10.22 -9.27 -29.58
N LEU A 100 9.66 -8.05 -29.54
CA LEU A 100 10.43 -6.83 -29.62
C LEU A 100 11.27 -6.56 -28.37
N LEU A 101 10.76 -6.91 -27.18
CA LEU A 101 11.51 -6.67 -25.94
C LEU A 101 12.63 -7.65 -25.78
N ARG A 102 12.36 -8.89 -26.15
CA ARG A 102 13.38 -9.94 -26.05
C ARG A 102 14.63 -9.62 -26.88
N GLU A 103 14.46 -9.02 -28.05
CA GLU A 103 15.64 -8.63 -28.85
C GLU A 103 16.38 -7.41 -28.29
N ALA A 104 15.74 -6.71 -27.32
CA ALA A 104 16.38 -5.57 -26.63
C ALA A 104 16.79 -5.88 -25.22
N GLY A 105 17.11 -7.14 -24.96
CA GLY A 105 17.67 -7.60 -23.71
C GLY A 105 16.74 -7.93 -22.55
N TYR A 106 15.44 -7.83 -22.77
CA TYR A 106 14.46 -8.22 -21.72
C TYR A 106 14.33 -9.73 -21.62
N GLN A 107 14.19 -10.22 -20.40
CA GLN A 107 13.75 -11.60 -20.19
C GLN A 107 12.21 -11.66 -20.22
N THR A 108 11.67 -12.48 -21.11
CA THR A 108 10.22 -12.49 -21.32
C THR A 108 9.66 -13.73 -20.64
N LEU A 109 8.76 -13.53 -19.65
CA LEU A 109 8.31 -14.62 -18.77
C LEU A 109 6.78 -14.53 -18.77
N MET A 110 6.11 -15.68 -18.90
CA MET A 110 4.64 -15.77 -18.90
C MET A 110 4.13 -16.97 -18.11
N ALA A 111 3.11 -16.76 -17.28
CA ALA A 111 2.37 -17.88 -16.71
C ALA A 111 0.88 -17.52 -16.76
N GLY A 112 0.10 -18.26 -17.56
CA GLY A 112 -1.33 -18.09 -17.61
C GLY A 112 -1.95 -18.50 -18.93
N LYS A 113 -3.14 -17.98 -19.20
CA LYS A 113 -3.90 -18.30 -20.36
C LYS A 113 -3.37 -17.58 -21.57
N TRP A 114 -3.32 -18.28 -22.71
CA TRP A 114 -2.76 -17.73 -23.94
C TRP A 114 -3.88 -17.21 -24.86
N HIS A 115 -4.64 -18.19 -25.36
CA HIS A 115 -5.78 -17.97 -26.23
C HIS A 115 -5.43 -17.34 -27.58
N LEU A 116 -4.19 -17.51 -27.97
CA LEU A 116 -3.74 -16.93 -29.24
C LEU A 116 -3.21 -18.00 -30.22
N GLY A 117 -3.52 -19.26 -29.98
CA GLY A 117 -3.08 -20.34 -30.86
C GLY A 117 -2.71 -21.59 -30.12
N LEU A 118 -3.03 -22.74 -30.73
CA LEU A 118 -2.93 -24.04 -30.11
C LEU A 118 -1.73 -24.81 -30.63
N LYS A 119 -1.25 -24.43 -31.81
CA LYS A 119 -0.17 -25.18 -32.47
C LYS A 119 1.22 -24.68 -32.06
N PRO A 120 2.22 -25.57 -32.20
CA PRO A 120 3.63 -25.32 -31.79
C PRO A 120 4.16 -24.00 -32.23
N GLU A 121 3.93 -23.64 -33.49
CA GLU A 121 4.47 -22.41 -34.05
C GLU A 121 3.62 -21.18 -33.59
N GLN A 122 2.57 -21.42 -32.78
CA GLN A 122 1.67 -20.35 -32.29
C GLN A 122 1.70 -20.14 -30.78
N THR A 123 2.56 -20.89 -30.08
CA THR A 123 2.70 -20.86 -28.61
C THR A 123 3.44 -19.63 -28.12
N PRO A 124 3.33 -19.36 -26.80
CA PRO A 124 4.13 -18.27 -26.23
C PRO A 124 5.61 -18.39 -26.60
N HIS A 125 6.15 -19.62 -26.53
CA HIS A 125 7.56 -19.88 -26.86
C HIS A 125 7.89 -19.44 -28.28
N ALA A 126 6.97 -19.73 -29.23
CA ALA A 126 7.11 -19.31 -30.61
C ALA A 126 6.98 -17.84 -30.82
N ARG A 127 6.20 -17.15 -29.96
CA ARG A 127 5.95 -15.75 -30.14
C ARG A 127 6.63 -14.86 -29.08
N GLY A 128 7.82 -15.25 -28.64
CA GLY A 128 8.75 -14.33 -28.00
C GLY A 128 8.94 -14.48 -26.50
N PHE A 129 8.34 -15.49 -25.86
CA PHE A 129 8.60 -15.72 -24.43
C PHE A 129 9.68 -16.76 -24.23
N GLU A 130 10.72 -16.41 -23.49
CA GLU A 130 11.76 -17.37 -23.24
C GLU A 130 11.35 -18.38 -22.23
N ARG A 131 10.48 -18.00 -21.30
CA ARG A 131 9.93 -18.97 -20.36
C ARG A 131 8.41 -18.78 -20.21
N SER A 132 7.68 -19.88 -20.30
CA SER A 132 6.21 -19.81 -20.33
C SER A 132 5.61 -21.07 -19.81
N PHE A 133 4.55 -20.89 -19.01
CA PHE A 133 3.74 -22.02 -18.53
C PHE A 133 2.29 -21.59 -18.88
N SER A 134 1.66 -22.25 -19.86
CA SER A 134 0.42 -21.67 -20.44
C SER A 134 -0.71 -22.67 -20.73
N LEU A 135 -1.95 -22.21 -20.44
CA LEU A 135 -3.17 -22.84 -20.89
C LEU A 135 -3.38 -22.25 -22.27
N LEU A 136 -3.32 -23.08 -23.30
CA LEU A 136 -3.47 -22.55 -24.64
C LEU A 136 -4.91 -22.18 -25.05
N PRO A 137 -5.93 -22.94 -24.63
CA PRO A 137 -7.32 -22.61 -25.06
C PRO A 137 -7.91 -21.41 -24.31
N GLY A 138 -9.18 -21.11 -24.58
CA GLY A 138 -9.86 -19.93 -23.97
C GLY A 138 -10.40 -20.20 -22.58
N ALA A 139 -10.51 -21.50 -22.25
CA ALA A 139 -10.89 -21.90 -20.93
C ALA A 139 -10.55 -23.38 -20.71
N ALA A 140 -10.70 -23.79 -19.45
CA ALA A 140 -10.54 -25.16 -19.01
C ALA A 140 -10.98 -25.28 -17.58
N ASN A 141 -11.15 -26.51 -17.15
CA ASN A 141 -11.42 -26.81 -15.73
C ASN A 141 -10.20 -26.30 -14.90
N HIS A 142 -10.43 -25.45 -13.89
CA HIS A 142 -9.35 -24.92 -13.11
C HIS A 142 -8.52 -25.94 -12.31
N TYR A 143 -9.09 -27.12 -12.10
CA TYR A 143 -8.45 -28.15 -11.33
C TYR A 143 -7.94 -29.23 -12.26
N GLY A 144 -8.09 -29.05 -13.56
CA GLY A 144 -7.68 -30.09 -14.52
C GLY A 144 -8.57 -31.31 -14.63
N PHE A 145 -9.77 -31.33 -14.03
CA PHE A 145 -10.72 -32.43 -14.19
C PHE A 145 -11.43 -32.37 -15.56
N GLU A 146 -11.23 -33.40 -16.34
CA GLU A 146 -11.73 -33.43 -17.73
C GLU A 146 -12.97 -34.25 -17.82
N PRO A 147 -13.94 -33.82 -18.63
CA PRO A 147 -15.03 -34.75 -18.93
C PRO A 147 -14.56 -35.80 -19.96
N PRO A 148 -15.38 -36.82 -20.23
CA PRO A 148 -15.09 -37.68 -21.36
C PRO A 148 -15.19 -36.90 -22.65
N TYR A 149 -14.21 -37.08 -23.53
CA TYR A 149 -14.22 -36.44 -24.81
C TYR A 149 -14.57 -37.44 -25.90
N ASP A 150 -15.77 -37.29 -26.45
CA ASP A 150 -16.10 -37.96 -27.71
C ASP A 150 -17.09 -37.14 -28.51
N GLU A 151 -17.61 -37.74 -29.57
CA GLU A 151 -18.43 -37.08 -30.56
C GLU A 151 -19.60 -36.33 -29.94
N SER A 152 -20.13 -36.86 -28.86
CA SER A 152 -21.34 -36.36 -28.23
C SER A 152 -21.04 -35.31 -27.11
N THR A 153 -19.76 -35.11 -26.81
CA THR A 153 -19.35 -34.07 -25.83
C THR A 153 -19.75 -32.69 -26.36
N PRO A 154 -20.41 -31.85 -25.53
CA PRO A 154 -20.76 -30.50 -25.99
C PRO A 154 -19.55 -29.75 -26.57
N ARG A 155 -19.79 -29.07 -27.68
CA ARG A 155 -18.70 -28.38 -28.41
C ARG A 155 -17.92 -27.39 -27.51
N ILE A 156 -18.61 -26.70 -26.62
CA ILE A 156 -17.94 -25.79 -25.72
C ILE A 156 -16.93 -26.49 -24.78
N LEU A 157 -17.24 -27.74 -24.36
CA LEU A 157 -16.30 -28.54 -23.57
C LEU A 157 -15.16 -29.11 -24.40
N LYS A 158 -15.49 -29.60 -25.58
CA LYS A 158 -14.47 -30.10 -26.52
C LYS A 158 -13.43 -29.04 -26.77
N GLY A 159 -13.86 -27.77 -26.88
CA GLY A 159 -12.94 -26.67 -27.20
C GLY A 159 -12.19 -26.07 -26.00
N THR A 160 -12.37 -26.65 -24.81
CA THR A 160 -11.76 -26.16 -23.57
C THR A 160 -11.06 -27.26 -22.78
N PRO A 161 -10.21 -28.09 -23.43
CA PRO A 161 -9.46 -29.04 -22.65
C PRO A 161 -8.37 -28.32 -21.86
N ALA A 162 -7.87 -29.00 -20.84
CA ALA A 162 -6.77 -28.46 -20.04
C ALA A 162 -5.48 -28.75 -20.77
N LEU A 163 -5.27 -27.97 -21.80
CA LEU A 163 -4.13 -28.12 -22.70
C LEU A 163 -3.06 -27.07 -22.34
N TYR A 164 -2.10 -27.57 -21.62
CA TYR A 164 -1.01 -26.80 -21.08
C TYR A 164 0.33 -27.08 -21.77
N VAL A 165 1.11 -26.05 -21.94
CA VAL A 165 2.47 -26.21 -22.42
C VAL A 165 3.44 -25.51 -21.43
N GLU A 166 4.64 -26.07 -21.22
CA GLU A 166 5.73 -25.36 -20.61
C GLU A 166 6.84 -25.22 -21.65
N ASP A 167 7.02 -24.00 -22.14
CA ASP A 167 7.97 -23.74 -23.23
C ASP A 167 7.55 -24.54 -24.51
N GLU A 168 8.31 -25.56 -24.89
CA GLU A 168 8.04 -26.32 -26.10
C GLU A 168 7.37 -27.61 -25.78
N ARG A 169 7.25 -27.93 -24.50
CA ARG A 169 6.74 -29.19 -24.08
C ARG A 169 5.22 -29.12 -23.81
N TYR A 170 4.43 -29.92 -24.54
CA TYR A 170 3.02 -30.14 -24.25
C TYR A 170 2.94 -31.09 -23.08
N LEU A 171 2.31 -30.65 -21.99
CA LEU A 171 2.36 -31.41 -20.73
C LEU A 171 1.42 -32.61 -20.75
N ASP A 172 1.90 -33.75 -20.24
CA ASP A 172 1.10 -35.00 -20.23
C ASP A 172 0.24 -35.07 -18.98
N THR A 173 0.71 -34.47 -17.91
CA THR A 173 0.00 -34.50 -16.65
C THR A 173 0.18 -33.13 -16.00
N LEU A 174 -0.71 -32.83 -15.05
CA LEU A 174 -0.57 -31.66 -14.20
C LEU A 174 -0.22 -32.15 -12.79
N PRO A 175 0.47 -31.33 -12.00
CA PRO A 175 0.77 -31.62 -10.58
C PRO A 175 -0.48 -31.92 -9.73
N GLU A 176 -0.30 -32.65 -8.63
CA GLU A 176 -1.36 -32.80 -7.59
C GLU A 176 -1.56 -31.43 -7.03
N GLY A 177 -2.78 -31.18 -6.58
CA GLY A 177 -3.15 -29.92 -6.13
C GLY A 177 -3.19 -28.84 -7.17
N PHE A 178 -3.15 -29.14 -8.48
CA PHE A 178 -3.19 -28.11 -9.48
C PHE A 178 -4.50 -27.30 -9.30
N TYR A 179 -4.36 -25.98 -9.20
CA TYR A 179 -5.46 -24.98 -9.32
C TYR A 179 -4.90 -23.83 -10.15
N SER A 180 -5.55 -23.53 -11.26
CA SER A 180 -5.05 -22.61 -12.27
C SER A 180 -4.35 -21.39 -11.63
N SER A 181 -5.08 -20.57 -10.87
CA SER A 181 -4.46 -19.33 -10.37
C SER A 181 -3.20 -19.57 -9.55
N ASP A 182 -3.17 -20.66 -8.78
CA ASP A 182 -2.07 -20.97 -7.90
C ASP A 182 -0.90 -21.47 -8.74
N ALA A 183 -1.18 -22.29 -9.75
CA ALA A 183 -0.15 -22.77 -10.68
C ALA A 183 0.51 -21.62 -11.40
N PHE A 184 -0.30 -20.63 -11.84
CA PHE A 184 0.22 -19.46 -12.51
C PHE A 184 1.10 -18.64 -11.57
N GLY A 185 0.63 -18.41 -10.36
CA GLY A 185 1.46 -17.73 -9.36
C GLY A 185 2.76 -18.48 -9.10
N ASP A 186 2.64 -19.79 -8.90
CA ASP A 186 3.82 -20.64 -8.66
C ASP A 186 4.89 -20.50 -9.77
N LYS A 187 4.46 -20.62 -11.04
CA LYS A 187 5.36 -20.65 -12.17
C LYS A 187 5.98 -19.29 -12.43
N LEU A 188 5.21 -18.22 -12.30
CA LEU A 188 5.81 -16.93 -12.51
C LEU A 188 6.82 -16.61 -11.38
N LEU A 189 6.48 -16.98 -10.14
CA LEU A 189 7.38 -16.79 -9.02
C LEU A 189 8.69 -17.57 -9.29
N GLN A 190 8.55 -18.83 -9.74
CA GLN A 190 9.74 -19.62 -10.12
C GLN A 190 10.60 -18.91 -11.18
N TYR A 191 9.97 -18.48 -12.27
CA TYR A 191 10.67 -17.79 -13.33
C TYR A 191 11.38 -16.52 -12.84
N LEU A 192 10.74 -15.79 -11.94
CA LEU A 192 11.30 -14.58 -11.42
C LEU A 192 12.53 -14.94 -10.52
N LYS A 193 12.40 -15.96 -9.71
CA LYS A 193 13.49 -16.33 -8.77
C LYS A 193 14.69 -16.89 -9.53
N GLU A 194 14.43 -17.47 -10.69
CA GLU A 194 15.46 -17.98 -11.54
C GLU A 194 16.05 -16.98 -12.53
N ARG A 195 15.55 -15.75 -12.55
CA ARG A 195 15.97 -14.80 -13.59
C ARG A 195 17.39 -14.34 -13.45
N ASP A 196 17.85 -13.73 -14.51
CA ASP A 196 19.09 -12.96 -14.46
C ASP A 196 18.79 -11.61 -13.79
N GLN A 197 19.24 -11.45 -12.54
CA GLN A 197 18.93 -10.24 -11.79
C GLN A 197 19.53 -8.96 -12.29
N SER A 198 20.47 -9.06 -13.23
CA SER A 198 21.14 -7.87 -13.74
C SER A 198 20.49 -7.35 -15.01
N ARG A 199 19.41 -7.97 -15.48
CA ARG A 199 18.65 -7.46 -16.63
C ARG A 199 17.14 -7.39 -16.36
N PRO A 200 16.42 -6.48 -17.06
CA PRO A 200 14.98 -6.36 -16.77
C PRO A 200 14.15 -7.54 -17.33
N PHE A 201 12.91 -7.65 -16.82
CA PHE A 201 11.99 -8.66 -17.27
C PHE A 201 10.66 -7.99 -17.71
N PHE A 202 9.99 -8.65 -18.67
CA PHE A 202 8.61 -8.43 -19.07
C PHE A 202 7.92 -9.72 -18.58
N ALA A 203 7.05 -9.58 -17.57
CA ALA A 203 6.33 -10.67 -16.90
C ALA A 203 4.86 -10.47 -17.28
N TYR A 204 4.28 -11.53 -17.87
CA TYR A 204 2.88 -11.53 -18.37
C TYR A 204 2.12 -12.53 -17.56
N LEU A 205 1.06 -12.08 -16.86
CA LEU A 205 0.33 -12.91 -15.89
C LEU A 205 -1.14 -12.87 -16.20
N PRO A 206 -1.53 -13.61 -17.28
CA PRO A 206 -2.90 -13.69 -17.67
C PRO A 206 -3.57 -14.80 -16.88
N PHE A 207 -4.29 -14.48 -15.84
CA PHE A 207 -5.06 -15.55 -15.21
C PHE A 207 -6.18 -16.10 -16.10
N SER A 208 -6.70 -17.25 -15.72
CA SER A 208 -7.90 -17.80 -16.32
C SER A 208 -9.09 -17.49 -15.37
N ALA A 209 -8.84 -17.16 -14.12
CA ALA A 209 -9.90 -16.66 -13.21
C ALA A 209 -10.28 -15.16 -13.52
N PRO A 210 -11.53 -14.75 -13.22
CA PRO A 210 -12.62 -15.58 -12.70
C PRO A 210 -13.54 -16.12 -13.84
N HIS A 211 -12.95 -16.72 -14.87
CA HIS A 211 -13.75 -17.27 -16.03
C HIS A 211 -14.42 -18.59 -15.64
N TRP A 212 -15.56 -18.88 -16.26
CA TRP A 212 -16.23 -20.13 -15.95
C TRP A 212 -15.33 -21.27 -16.42
N PRO A 213 -15.51 -22.48 -15.85
CA PRO A 213 -16.39 -22.81 -14.76
C PRO A 213 -15.92 -22.20 -13.41
N LEU A 214 -16.86 -21.71 -12.61
CA LEU A 214 -16.56 -21.02 -11.40
C LEU A 214 -16.16 -21.99 -10.31
N GLN A 215 -14.89 -21.91 -9.97
CA GLN A 215 -14.25 -22.98 -9.14
C GLN A 215 -13.15 -22.27 -8.38
N ALA A 216 -13.06 -22.62 -7.10
CA ALA A 216 -12.14 -22.03 -6.17
C ALA A 216 -11.97 -22.92 -4.95
N PRO A 217 -10.86 -22.69 -4.20
CA PRO A 217 -10.67 -23.47 -2.99
C PRO A 217 -11.82 -23.26 -1.97
N ARG A 218 -12.33 -24.37 -1.41
CA ARG A 218 -13.44 -24.31 -0.47
C ARG A 218 -13.20 -23.35 0.72
N GLU A 219 -11.97 -23.35 1.21
CA GLU A 219 -11.66 -22.49 2.36
C GLU A 219 -11.80 -20.99 2.07
N ILE A 220 -11.67 -20.62 0.82
CA ILE A 220 -11.92 -19.23 0.43
C ILE A 220 -13.43 -19.05 0.13
N VAL A 221 -14.05 -20.00 -0.53
CA VAL A 221 -15.50 -19.89 -0.80
C VAL A 221 -16.23 -19.68 0.55
N GLU A 222 -15.84 -20.49 1.54
CA GLU A 222 -16.47 -20.40 2.88
C GLU A 222 -16.47 -19.02 3.44
N LYS A 223 -15.49 -18.18 3.11
CA LYS A 223 -15.45 -16.82 3.69
C LYS A 223 -16.56 -15.93 3.16
N TYR A 224 -17.20 -16.30 2.03
CA TYR A 224 -18.29 -15.51 1.45
C TYR A 224 -19.67 -16.09 1.75
N ARG A 225 -19.73 -17.10 2.62
CA ARG A 225 -20.99 -17.74 2.96
C ARG A 225 -22.02 -16.69 3.39
N GLY A 226 -23.07 -16.55 2.66
CA GLY A 226 -24.20 -15.68 3.00
C GLY A 226 -24.09 -14.28 2.47
N ARG A 227 -22.93 -13.93 1.94
CA ARG A 227 -22.69 -12.57 1.44
C ARG A 227 -23.57 -12.11 0.34
N TYR A 228 -24.03 -13.01 -0.51
CA TYR A 228 -24.77 -12.67 -1.66
C TYR A 228 -26.23 -13.10 -1.58
N ASP A 229 -26.70 -13.42 -0.37
CA ASP A 229 -28.07 -13.85 -0.20
C ASP A 229 -29.10 -12.85 -0.70
N ALA A 230 -28.78 -11.58 -0.72
CA ALA A 230 -29.79 -10.58 -1.13
C ALA A 230 -29.90 -10.47 -2.62
N GLY A 231 -29.01 -11.13 -3.38
CA GLY A 231 -29.14 -11.26 -4.82
C GLY A 231 -28.44 -10.18 -5.61
N PRO A 232 -28.52 -10.29 -6.94
CA PRO A 232 -27.69 -9.52 -7.87
C PRO A 232 -28.14 -8.09 -8.04
N GLU A 233 -29.44 -7.79 -7.77
CA GLU A 233 -29.90 -6.42 -7.92
C GLU A 233 -29.53 -5.66 -6.65
N ALA A 234 -29.77 -6.27 -5.49
CA ALA A 234 -29.21 -5.71 -4.22
C ALA A 234 -27.71 -5.45 -4.39
N LEU A 235 -26.95 -6.44 -4.92
CA LEU A 235 -25.54 -6.17 -5.19
C LEU A 235 -25.30 -4.96 -6.11
N ARG A 236 -25.95 -4.94 -7.26
CA ARG A 236 -25.83 -3.80 -8.19
C ARG A 236 -26.00 -2.45 -7.46
N GLN A 237 -26.97 -2.39 -6.56
CA GLN A 237 -27.17 -1.11 -5.82
C GLN A 237 -26.01 -0.80 -4.88
N GLU A 238 -25.50 -1.80 -4.20
CA GLU A 238 -24.34 -1.61 -3.33
C GLU A 238 -23.16 -1.10 -4.16
N ARG A 239 -22.96 -1.71 -5.34
CA ARG A 239 -21.83 -1.36 -6.25
C ARG A 239 -21.97 0.07 -6.79
N LEU A 240 -23.14 0.40 -7.23
CA LEU A 240 -23.39 1.80 -7.65
C LEU A 240 -23.13 2.83 -6.57
N ALA A 241 -23.69 2.61 -5.37
CA ALA A 241 -23.46 3.48 -4.26
C ALA A 241 -21.96 3.69 -4.00
N ARG A 242 -21.23 2.60 -3.97
CA ARG A 242 -19.81 2.65 -3.65
C ARG A 242 -18.98 3.31 -4.79
N LEU A 243 -19.34 3.02 -6.05
CA LEU A 243 -18.68 3.64 -7.21
C LEU A 243 -18.83 5.15 -7.09
N LYS A 244 -20.02 5.59 -6.67
CA LYS A 244 -20.27 7.03 -6.52
C LYS A 244 -19.53 7.62 -5.35
N GLU A 245 -19.56 6.91 -4.21
CA GLU A 245 -18.85 7.32 -3.02
C GLU A 245 -17.32 7.45 -3.28
N LEU A 246 -16.76 6.56 -4.08
CA LEU A 246 -15.33 6.58 -4.36
C LEU A 246 -14.92 7.58 -5.47
N GLY A 247 -15.89 8.22 -6.11
CA GLY A 247 -15.64 9.07 -7.29
C GLY A 247 -15.32 8.35 -8.60
N LEU A 248 -15.65 7.08 -8.72
CA LEU A 248 -15.35 6.34 -9.93
C LEU A 248 -16.38 6.65 -11.04
N VAL A 249 -17.58 6.99 -10.59
CA VAL A 249 -18.60 7.48 -11.49
C VAL A 249 -19.20 8.71 -10.82
N GLU A 250 -19.74 9.60 -11.62
CA GLU A 250 -20.37 10.81 -11.10
C GLU A 250 -21.66 10.51 -10.34
N ALA A 251 -21.91 11.33 -9.32
CA ALA A 251 -22.98 11.09 -8.33
C ALA A 251 -24.34 10.92 -9.01
N ASP A 252 -24.51 11.60 -10.11
CA ASP A 252 -25.79 11.72 -10.82
C ASP A 252 -26.00 10.67 -11.95
N VAL A 253 -25.05 9.78 -12.17
N VAL A 253 -25.05 9.76 -12.15
CA VAL A 253 -25.12 8.95 -13.36
CA VAL A 253 -25.11 8.91 -13.33
C VAL A 253 -26.34 8.04 -13.31
C VAL A 253 -26.36 8.05 -13.31
N GLU A 254 -26.95 7.89 -14.49
CA GLU A 254 -28.14 7.11 -14.69
C GLU A 254 -27.67 5.78 -15.19
N ALA A 255 -27.91 4.73 -14.40
CA ALA A 255 -27.46 3.37 -14.74
C ALA A 255 -28.37 2.76 -15.81
N HIS A 256 -27.76 2.09 -16.77
CA HIS A 256 -28.58 1.36 -17.70
C HIS A 256 -29.44 0.30 -16.98
N PRO A 257 -30.68 0.13 -17.42
CA PRO A 257 -31.55 -0.94 -16.90
C PRO A 257 -30.99 -2.36 -17.16
N VAL A 258 -31.31 -3.27 -16.25
CA VAL A 258 -30.76 -4.60 -16.27
C VAL A 258 -31.64 -5.34 -17.25
N LEU A 259 -31.02 -6.00 -18.22
CA LEU A 259 -31.74 -6.83 -19.18
C LEU A 259 -31.32 -8.26 -19.11
N ALA A 260 -32.31 -9.14 -18.90
CA ALA A 260 -32.03 -10.59 -18.73
C ALA A 260 -33.28 -11.35 -19.07
N LEU A 261 -33.14 -12.53 -19.65
CA LEU A 261 -34.27 -13.38 -19.99
C LEU A 261 -34.53 -14.40 -18.87
N THR A 262 -33.65 -14.40 -17.88
CA THR A 262 -33.84 -15.22 -16.71
C THR A 262 -34.87 -14.61 -15.72
N ARG A 263 -35.28 -15.44 -14.75
CA ARG A 263 -36.11 -14.93 -13.63
C ARG A 263 -35.27 -14.08 -12.69
N GLU A 264 -35.91 -12.98 -12.27
CA GLU A 264 -35.35 -12.11 -11.26
C GLU A 264 -35.27 -12.85 -9.93
N TRP A 265 -34.42 -12.37 -9.04
CA TRP A 265 -34.12 -13.02 -7.76
C TRP A 265 -35.42 -13.39 -7.00
N GLU A 266 -36.30 -12.41 -6.83
CA GLU A 266 -37.52 -12.61 -5.98
C GLU A 266 -38.49 -13.59 -6.60
N ALA A 267 -38.30 -13.91 -7.87
CA ALA A 267 -39.16 -14.93 -8.55
C ALA A 267 -38.64 -16.34 -8.38
N LEU A 268 -37.44 -16.49 -7.79
CA LEU A 268 -36.80 -17.77 -7.71
C LEU A 268 -37.25 -18.52 -6.49
N GLU A 269 -37.28 -19.83 -6.65
CA GLU A 269 -37.53 -20.72 -5.53
C GLU A 269 -36.25 -20.75 -4.71
N ASP A 270 -36.40 -21.03 -3.44
CA ASP A 270 -35.34 -21.00 -2.45
C ASP A 270 -34.09 -21.79 -2.86
N GLU A 271 -34.28 -22.97 -3.42
CA GLU A 271 -33.15 -23.83 -3.80
C GLU A 271 -32.33 -23.19 -4.96
N GLU A 272 -33.04 -22.66 -5.94
CA GLU A 272 -32.45 -21.97 -7.06
C GLU A 272 -31.63 -20.76 -6.60
N ARG A 273 -32.24 -19.95 -5.74
CA ARG A 273 -31.51 -18.83 -5.17
C ARG A 273 -30.22 -19.30 -4.48
N ALA A 274 -30.33 -20.38 -3.72
CA ALA A 274 -29.24 -20.80 -2.91
C ALA A 274 -28.05 -21.16 -3.83
N LYS A 275 -28.35 -21.83 -4.91
CA LYS A 275 -27.31 -22.22 -5.84
C LYS A 275 -26.75 -21.05 -6.65
N SER A 276 -27.57 -20.06 -6.95
CA SER A 276 -27.10 -18.87 -7.68
C SER A 276 -26.21 -18.05 -6.76
N ALA A 277 -26.60 -17.89 -5.47
CA ALA A 277 -25.74 -17.17 -4.54
C ALA A 277 -24.46 -17.88 -4.33
N ARG A 278 -24.54 -19.21 -4.18
CA ARG A 278 -23.31 -20.03 -4.07
C ARG A 278 -22.34 -19.82 -5.23
N ALA A 279 -22.85 -19.67 -6.44
CA ALA A 279 -21.98 -19.38 -7.61
C ALA A 279 -21.28 -18.06 -7.46
N MET A 280 -22.00 -17.07 -6.93
CA MET A 280 -21.36 -15.77 -6.73
C MET A 280 -20.39 -15.80 -5.57
N GLU A 281 -20.67 -16.61 -4.53
CA GLU A 281 -19.71 -16.78 -3.47
C GLU A 281 -18.40 -17.37 -4.02
N VAL A 282 -18.55 -18.37 -4.89
CA VAL A 282 -17.40 -18.97 -5.61
C VAL A 282 -16.65 -17.99 -6.52
N TYR A 283 -17.37 -17.24 -7.31
CA TYR A 283 -16.76 -16.21 -8.10
C TYR A 283 -15.91 -15.29 -7.20
N ALA A 284 -16.47 -14.85 -6.07
CA ALA A 284 -15.76 -13.95 -5.18
C ALA A 284 -14.48 -14.59 -4.68
N ALA A 285 -14.55 -15.88 -4.27
CA ALA A 285 -13.37 -16.61 -3.92
C ALA A 285 -12.31 -16.71 -5.04
N MET A 286 -12.75 -16.88 -6.29
CA MET A 286 -11.85 -16.88 -7.43
C MET A 286 -11.05 -15.57 -7.50
N VAL A 287 -11.75 -14.46 -7.31
CA VAL A 287 -11.16 -13.17 -7.41
C VAL A 287 -10.22 -12.97 -6.25
N GLU A 288 -10.63 -13.37 -5.05
CA GLU A 288 -9.76 -13.17 -3.87
C GLU A 288 -8.47 -13.99 -4.01
N ARG A 289 -8.62 -15.19 -4.53
CA ARG A 289 -7.47 -16.17 -4.63
C ARG A 289 -6.53 -15.69 -5.74
N MET A 290 -7.11 -15.07 -6.75
CA MET A 290 -6.33 -14.43 -7.82
C MET A 290 -5.46 -13.34 -7.22
N ASP A 291 -6.15 -12.47 -6.50
CA ASP A 291 -5.50 -11.42 -5.78
C ASP A 291 -4.40 -11.94 -4.87
N TRP A 292 -4.64 -13.06 -4.21
CA TRP A 292 -3.64 -13.61 -3.33
C TRP A 292 -2.39 -14.00 -4.13
N ASN A 293 -2.58 -14.59 -5.31
CA ASN A 293 -1.45 -14.97 -6.14
C ASN A 293 -0.69 -13.79 -6.70
N ILE A 294 -1.43 -12.75 -7.09
CA ILE A 294 -0.84 -11.48 -7.43
C ILE A 294 0.07 -10.96 -6.30
N GLY A 295 -0.46 -10.95 -5.08
CA GLY A 295 0.29 -10.59 -3.88
C GLY A 295 1.58 -11.34 -3.72
N ARG A 296 1.56 -12.64 -3.95
CA ARG A 296 2.80 -13.47 -3.87
C ARG A 296 3.87 -12.93 -4.86
N VAL A 297 3.46 -12.63 -6.08
CA VAL A 297 4.33 -12.05 -7.08
C VAL A 297 4.89 -10.69 -6.67
N VAL A 298 3.97 -9.81 -6.28
CA VAL A 298 4.30 -8.43 -6.01
C VAL A 298 5.18 -8.36 -4.79
N ASP A 299 4.88 -9.20 -3.80
CA ASP A 299 5.60 -9.20 -2.53
C ASP A 299 7.04 -9.70 -2.78
N TYR A 300 7.18 -10.60 -3.72
CA TYR A 300 8.53 -11.10 -4.01
C TYR A 300 9.35 -9.96 -4.67
N LEU A 301 8.77 -9.34 -5.69
CA LEU A 301 9.38 -8.17 -6.32
C LEU A 301 9.75 -7.05 -5.36
N ARG A 302 8.79 -6.75 -4.47
CA ARG A 302 8.99 -5.72 -3.43
C ARG A 302 10.21 -6.06 -2.54
N ARG A 303 10.27 -7.29 -2.02
CA ARG A 303 11.37 -7.70 -1.18
C ARG A 303 12.73 -7.69 -1.88
N GLN A 304 12.70 -7.92 -3.18
CA GLN A 304 13.88 -7.80 -4.06
C GLN A 304 14.24 -6.37 -4.34
N GLY A 305 13.42 -5.40 -3.97
CA GLY A 305 13.70 -4.00 -4.26
C GLY A 305 13.48 -3.64 -5.70
N GLU A 306 12.64 -4.39 -6.40
CA GLU A 306 12.39 -4.20 -7.80
C GLU A 306 11.02 -3.60 -8.05
N LEU A 307 10.10 -3.64 -7.08
CA LEU A 307 8.74 -3.28 -7.43
C LEU A 307 8.62 -1.83 -7.94
N ASP A 308 9.29 -0.88 -7.29
CA ASP A 308 9.24 0.51 -7.72
C ASP A 308 9.87 0.72 -9.08
N ASN A 309 10.69 -0.20 -9.56
CA ASN A 309 11.22 -0.11 -10.93
C ASN A 309 10.48 -1.06 -11.87
N THR A 310 9.27 -1.44 -11.48
CA THR A 310 8.38 -2.25 -12.30
C THR A 310 7.11 -1.44 -12.61
N PHE A 311 6.85 -1.26 -13.89
CA PHE A 311 5.62 -0.71 -14.40
C PHE A 311 4.61 -1.87 -14.30
N VAL A 312 3.65 -1.72 -13.38
CA VAL A 312 2.63 -2.72 -13.14
C VAL A 312 1.30 -2.27 -13.76
N LEU A 313 0.80 -3.08 -14.69
CA LEU A 313 -0.48 -2.83 -15.32
C LEU A 313 -1.43 -3.99 -14.99
N PHE A 314 -2.60 -3.67 -14.44
CA PHE A 314 -3.62 -4.67 -14.17
C PHE A 314 -4.84 -4.26 -14.98
N MET A 315 -5.42 -5.24 -15.65
CA MET A 315 -6.68 -5.03 -16.39
C MET A 315 -7.48 -6.33 -16.44
N SER A 316 -8.77 -6.16 -16.65
CA SER A 316 -9.56 -7.28 -17.17
C SER A 316 -9.52 -7.28 -18.69
N ASP A 317 -9.94 -8.40 -19.32
CA ASP A 317 -9.80 -8.50 -20.75
C ASP A 317 -11.06 -8.16 -21.55
N ASN A 318 -12.19 -7.98 -20.85
CA ASN A 318 -13.47 -7.71 -21.42
C ASN A 318 -14.45 -7.46 -20.27
N GLY A 319 -15.69 -7.16 -20.58
CA GLY A 319 -16.73 -6.92 -19.58
C GLY A 319 -16.98 -8.20 -18.77
N ALA A 320 -17.62 -8.04 -17.62
CA ALA A 320 -18.17 -9.22 -16.88
C ALA A 320 -18.96 -10.20 -17.75
N GLU A 321 -18.85 -11.49 -17.42
CA GLU A 321 -19.51 -12.56 -18.26
C GLU A 321 -20.99 -12.76 -17.90
N GLY A 322 -21.92 -12.22 -18.69
CA GLY A 322 -23.35 -12.41 -18.44
C GLY A 322 -23.96 -13.54 -19.26
N ALA A 323 -23.13 -14.29 -20.01
CA ALA A 323 -23.64 -15.36 -20.90
C ALA A 323 -24.39 -16.48 -20.16
N LEU A 324 -25.38 -17.03 -20.86
CA LEU A 324 -25.98 -18.30 -20.49
C LEU A 324 -25.48 -19.30 -21.51
N LEU A 325 -24.57 -20.16 -21.11
CA LEU A 325 -23.93 -21.04 -22.03
C LEU A 325 -24.97 -21.95 -22.66
N GLU A 326 -26.04 -22.23 -21.91
CA GLU A 326 -27.13 -23.08 -22.36
C GLU A 326 -27.99 -22.44 -23.45
N ALA A 327 -27.87 -21.11 -23.63
CA ALA A 327 -28.62 -20.38 -24.65
C ALA A 327 -27.98 -20.40 -26.09
N PHE A 328 -26.85 -21.05 -26.28
CA PHE A 328 -26.21 -21.09 -27.61
C PHE A 328 -26.12 -22.47 -28.19
N PRO A 329 -26.97 -22.81 -29.20
CA PRO A 329 -26.85 -24.20 -29.70
C PRO A 329 -25.44 -24.65 -30.12
N LYS A 330 -24.65 -23.73 -30.67
CA LYS A 330 -23.25 -24.01 -31.05
C LYS A 330 -22.42 -24.62 -29.92
N PHE A 331 -22.69 -24.24 -28.66
CA PHE A 331 -21.96 -24.78 -27.48
C PHE A 331 -22.34 -26.22 -27.13
N GLY A 332 -23.53 -26.64 -27.58
CA GLY A 332 -24.01 -28.01 -27.38
C GLY A 332 -23.44 -29.00 -28.39
N PRO A 333 -24.25 -30.02 -28.80
CA PRO A 333 -25.59 -30.37 -28.32
C PRO A 333 -25.73 -30.63 -26.80
N ASP A 334 -26.96 -30.48 -26.31
CA ASP A 334 -27.39 -30.76 -24.98
C ASP A 334 -26.31 -30.47 -23.90
N LEU A 335 -25.86 -29.21 -23.74
CA LEU A 335 -24.88 -28.89 -22.69
C LEU A 335 -25.44 -29.24 -21.31
N LEU A 336 -26.65 -28.75 -20.97
CA LEU A 336 -27.16 -28.99 -19.59
C LEU A 336 -27.37 -30.47 -19.25
N ASP A 337 -27.83 -31.24 -20.23
CA ASP A 337 -28.00 -32.70 -20.02
C ASP A 337 -26.67 -33.40 -19.80
N PHE A 338 -25.68 -33.04 -20.61
CA PHE A 338 -24.33 -33.56 -20.41
C PHE A 338 -23.75 -33.17 -19.04
N LEU A 339 -23.96 -31.91 -18.61
CA LEU A 339 -23.49 -31.46 -17.30
C LEU A 339 -24.19 -32.19 -16.18
N ASP A 340 -25.48 -32.43 -16.38
CA ASP A 340 -26.26 -33.17 -15.38
C ASP A 340 -25.76 -34.64 -15.21
N ARG A 341 -25.20 -35.21 -16.26
CA ARG A 341 -24.78 -36.62 -16.24
C ARG A 341 -23.30 -36.75 -15.86
N HIS A 342 -22.55 -35.65 -15.88
CA HIS A 342 -21.09 -35.70 -15.62
C HIS A 342 -20.49 -34.85 -14.50
N TYR A 343 -21.24 -33.86 -14.05
CA TYR A 343 -20.88 -32.95 -13.02
C TYR A 343 -21.91 -32.97 -11.88
N ASP A 344 -21.55 -32.42 -10.73
CA ASP A 344 -22.48 -32.32 -9.66
C ASP A 344 -22.59 -30.87 -9.31
N ASN A 345 -23.70 -30.23 -9.68
CA ASN A 345 -23.94 -28.83 -9.40
C ASN A 345 -24.96 -28.65 -8.32
N SER A 346 -25.03 -29.61 -7.45
CA SER A 346 -25.83 -29.49 -6.28
C SER A 346 -25.16 -28.42 -5.44
N LEU A 347 -25.93 -27.78 -4.60
CA LEU A 347 -25.43 -26.67 -3.77
C LEU A 347 -24.06 -26.90 -3.10
N GLU A 348 -23.97 -28.02 -2.38
CA GLU A 348 -22.79 -28.27 -1.59
C GLU A 348 -21.53 -28.49 -2.46
N ASN A 349 -21.68 -28.91 -3.73
CA ASN A 349 -20.53 -29.17 -4.63
C ASN A 349 -20.07 -28.00 -5.51
N ILE A 350 -20.93 -26.99 -5.68
CA ILE A 350 -20.61 -25.86 -6.54
C ILE A 350 -19.33 -25.25 -6.14
N GLY A 351 -18.42 -25.11 -7.10
CA GLY A 351 -17.13 -24.49 -6.82
C GLY A 351 -16.00 -25.55 -6.85
N SER A 352 -16.33 -26.85 -6.70
CA SER A 352 -15.32 -27.87 -6.74
C SER A 352 -15.02 -28.33 -8.22
N ALA A 353 -13.99 -29.16 -8.36
CA ALA A 353 -13.49 -29.59 -9.65
C ALA A 353 -14.57 -30.24 -10.53
N ASN A 354 -15.52 -30.94 -9.92
CA ASN A 354 -16.50 -31.67 -10.72
C ASN A 354 -17.84 -30.92 -10.66
N SER A 355 -17.79 -29.58 -10.46
CA SER A 355 -18.94 -28.69 -10.74
C SER A 355 -18.61 -27.93 -12.02
N TYR A 356 -19.63 -27.41 -12.68
CA TYR A 356 -19.46 -26.59 -13.84
C TYR A 356 -20.62 -25.57 -13.90
N VAL A 357 -20.35 -24.38 -13.37
CA VAL A 357 -21.35 -23.29 -13.36
C VAL A 357 -20.80 -21.99 -13.92
N TRP A 358 -21.75 -21.12 -14.27
CA TRP A 358 -21.47 -19.73 -14.73
C TRP A 358 -22.53 -18.91 -14.04
N TYR A 359 -22.27 -17.65 -13.74
CA TYR A 359 -23.20 -16.95 -12.85
C TYR A 359 -24.31 -16.18 -13.51
N GLY A 360 -24.16 -16.02 -14.81
CA GLY A 360 -25.26 -15.50 -15.62
C GLY A 360 -25.40 -13.97 -15.67
N PRO A 361 -26.49 -13.48 -16.29
CA PRO A 361 -26.54 -12.03 -16.77
C PRO A 361 -26.82 -11.03 -15.69
N ARG A 362 -27.56 -11.48 -14.68
CA ARG A 362 -27.91 -10.59 -13.56
C ARG A 362 -26.71 -10.32 -12.65
N TRP A 363 -25.96 -11.34 -12.24
CA TRP A 363 -24.76 -11.11 -11.44
C TRP A 363 -23.76 -10.32 -12.28
N ALA A 364 -23.70 -10.59 -13.60
CA ALA A 364 -22.72 -9.90 -14.47
C ALA A 364 -23.02 -8.43 -14.56
N GLN A 365 -24.29 -8.07 -14.77
CA GLN A 365 -24.68 -6.68 -14.81
C GLN A 365 -24.53 -5.93 -13.49
N ALA A 366 -24.56 -6.61 -12.36
CA ALA A 366 -24.22 -5.92 -11.10
C ALA A 366 -22.87 -5.34 -11.19
N ALA A 367 -21.94 -6.06 -11.83
CA ALA A 367 -20.54 -5.62 -11.92
C ALA A 367 -20.19 -4.65 -13.01
N THR A 368 -20.94 -4.65 -14.10
CA THR A 368 -20.78 -3.68 -15.18
C THR A 368 -21.52 -2.34 -15.01
N ALA A 369 -22.50 -2.34 -14.13
CA ALA A 369 -23.23 -1.09 -13.84
C ALA A 369 -22.28 0.09 -13.50
N PRO A 370 -22.55 1.31 -14.05
CA PRO A 370 -23.82 1.71 -14.65
C PRO A 370 -23.88 1.44 -16.15
N SER A 371 -22.90 0.70 -16.65
CA SER A 371 -22.81 0.42 -18.07
C SER A 371 -23.88 -0.53 -18.57
N ARG A 372 -24.14 -0.36 -19.86
CA ARG A 372 -25.01 -1.24 -20.64
C ARG A 372 -24.47 -2.61 -21.03
N LEU A 373 -25.16 -3.65 -20.56
CA LEU A 373 -24.84 -5.04 -20.90
C LEU A 373 -23.46 -5.50 -20.37
N TYR A 374 -22.71 -6.28 -21.14
CA TYR A 374 -21.67 -7.12 -20.60
C TYR A 374 -20.88 -7.73 -21.71
N LYS A 375 -19.99 -8.64 -21.36
CA LYS A 375 -19.06 -9.31 -22.32
C LYS A 375 -19.78 -9.71 -23.62
N ALA A 376 -19.06 -9.54 -24.71
CA ALA A 376 -19.47 -9.91 -26.07
C ALA A 376 -20.48 -8.94 -26.71
N PHE A 377 -20.80 -7.87 -25.99
CA PHE A 377 -21.41 -6.68 -26.59
C PHE A 377 -20.43 -5.53 -26.77
N THR A 378 -20.71 -4.70 -27.75
CA THR A 378 -19.91 -3.53 -28.02
C THR A 378 -20.36 -2.29 -27.24
N THR A 379 -21.37 -2.43 -26.41
CA THR A 379 -21.77 -1.36 -25.56
C THR A 379 -20.69 -1.25 -24.46
N GLN A 380 -20.70 -0.18 -23.68
CA GLN A 380 -19.69 -0.02 -22.66
C GLN A 380 -19.58 -1.20 -21.67
N GLY A 381 -20.68 -1.90 -21.37
CA GLY A 381 -20.61 -3.07 -20.47
C GLY A 381 -19.67 -4.12 -20.96
N GLY A 382 -19.58 -4.27 -22.27
CA GLY A 382 -18.65 -5.26 -22.83
C GLY A 382 -17.21 -4.87 -22.97
N ILE A 383 -16.96 -3.57 -23.14
CA ILE A 383 -15.62 -3.11 -23.54
C ILE A 383 -14.89 -2.20 -22.52
N ARG A 384 -15.66 -1.59 -21.64
CA ARG A 384 -15.06 -0.72 -20.59
C ARG A 384 -14.66 -1.62 -19.43
N VAL A 385 -13.35 -1.68 -19.08
CA VAL A 385 -12.88 -2.62 -18.08
C VAL A 385 -12.06 -1.89 -16.99
N PRO A 386 -12.02 -2.43 -15.77
CA PRO A 386 -11.14 -1.84 -14.78
C PRO A 386 -9.65 -2.01 -15.15
N ALA A 387 -8.88 -0.98 -14.81
CA ALA A 387 -7.45 -0.93 -15.17
C ALA A 387 -6.74 -0.02 -14.23
N LEU A 388 -5.52 -0.42 -13.90
CA LEU A 388 -4.66 0.43 -13.09
C LEU A 388 -3.20 0.35 -13.55
N VAL A 389 -2.50 1.43 -13.34
CA VAL A 389 -1.06 1.51 -13.60
C VAL A 389 -0.35 1.95 -12.32
N ARG A 390 0.52 1.10 -11.81
CA ARG A 390 1.31 1.46 -10.67
C ARG A 390 2.76 1.51 -11.11
N TYR A 391 3.29 2.72 -11.16
CA TYR A 391 4.68 2.99 -11.53
C TYR A 391 5.08 4.35 -10.96
N PRO A 392 5.91 4.34 -9.91
CA PRO A 392 6.14 5.58 -9.23
C PRO A 392 7.09 6.57 -9.91
N ARG A 393 7.65 6.23 -11.06
CA ARG A 393 8.50 7.18 -11.78
C ARG A 393 7.62 8.12 -12.50
N LEU A 394 6.40 7.70 -12.75
CA LEU A 394 5.47 8.54 -13.43
C LEU A 394 4.77 9.42 -12.43
N SER A 395 4.68 10.68 -12.83
CA SER A 395 4.10 11.70 -12.00
C SER A 395 2.62 11.47 -11.76
N ARG A 396 1.87 10.89 -12.69
CA ARG A 396 0.42 10.80 -12.52
C ARG A 396 0.03 9.48 -11.78
N GLN A 397 0.08 9.53 -10.44
CA GLN A 397 -0.22 8.41 -9.55
C GLN A 397 -1.10 8.89 -8.37
N GLY A 398 -1.86 7.97 -7.76
CA GLY A 398 -2.71 8.34 -6.63
C GLY A 398 -4.08 8.87 -6.95
N ALA A 399 -4.40 8.92 -8.25
CA ALA A 399 -5.61 9.52 -8.70
C ALA A 399 -6.51 8.52 -9.48
N ILE A 400 -7.71 8.99 -9.69
CA ILE A 400 -8.68 8.34 -10.60
C ILE A 400 -8.78 9.13 -11.87
N SER A 401 -8.48 8.49 -13.01
CA SER A 401 -8.52 9.19 -14.29
C SER A 401 -9.62 8.65 -15.22
N HIS A 402 -10.34 9.58 -15.80
CA HIS A 402 -11.41 9.31 -16.71
C HIS A 402 -10.93 9.62 -18.16
N ALA A 403 -9.62 9.70 -18.40
CA ALA A 403 -9.11 9.90 -19.75
C ALA A 403 -9.30 8.62 -20.59
N PHE A 404 -9.74 8.76 -21.83
CA PHE A 404 -9.92 7.68 -22.76
C PHE A 404 -8.59 6.98 -23.07
N ALA A 405 -8.64 5.66 -23.04
CA ALA A 405 -7.49 4.84 -23.28
C ALA A 405 -8.00 3.49 -23.80
N THR A 406 -7.14 2.79 -24.53
CA THR A 406 -7.45 1.41 -24.91
C THR A 406 -6.30 0.48 -24.74
N VAL A 407 -6.64 -0.81 -24.77
CA VAL A 407 -5.63 -1.86 -24.75
C VAL A 407 -4.57 -1.73 -25.86
N MET A 408 -4.92 -1.18 -27.02
CA MET A 408 -3.92 -0.94 -28.06
C MET A 408 -2.79 0.06 -27.70
N ASP A 409 -3.01 0.86 -26.65
CA ASP A 409 -2.01 1.85 -26.15
C ASP A 409 -0.84 1.21 -25.40
N VAL A 410 -1.01 -0.03 -24.96
CA VAL A 410 -0.12 -0.62 -24.03
C VAL A 410 1.22 -0.98 -24.68
N THR A 411 1.19 -1.60 -25.84
CA THR A 411 2.42 -1.98 -26.55
C THR A 411 3.33 -0.71 -26.81
N PRO A 412 2.78 0.39 -27.35
CA PRO A 412 3.62 1.58 -27.64
C PRO A 412 4.16 2.23 -26.35
N THR A 413 3.35 2.21 -25.26
CA THR A 413 3.80 2.70 -23.99
C THR A 413 4.98 1.91 -23.44
N LEU A 414 4.88 0.59 -23.47
CA LEU A 414 5.93 -0.25 -22.93
C LEU A 414 7.21 -0.17 -23.75
N LEU A 415 7.08 -0.16 -25.09
CA LEU A 415 8.23 0.09 -26.02
C LEU A 415 8.90 1.39 -25.64
N ASP A 416 8.13 2.46 -25.51
CA ASP A 416 8.67 3.76 -25.09
C ASP A 416 9.49 3.67 -23.84
N LEU A 417 8.92 3.10 -22.80
CA LEU A 417 9.60 3.01 -21.53
C LEU A 417 10.84 2.12 -21.60
N ALA A 418 10.84 1.12 -22.49
CA ALA A 418 11.95 0.22 -22.65
C ALA A 418 13.08 0.87 -23.47
N GLY A 419 12.79 2.02 -24.05
CA GLY A 419 13.70 2.68 -24.97
C GLY A 419 13.83 1.91 -26.28
N VAL A 420 12.72 1.31 -26.75
CA VAL A 420 12.73 0.42 -27.91
C VAL A 420 11.82 1.01 -28.95
N ARG A 421 12.32 1.14 -30.18
CA ARG A 421 11.45 1.69 -31.26
C ARG A 421 10.67 0.59 -31.95
N HIS A 422 9.40 0.83 -32.25
CA HIS A 422 8.66 -0.12 -33.06
C HIS A 422 9.39 -0.18 -34.39
N PRO A 423 9.65 -1.39 -34.92
CA PRO A 423 10.43 -1.48 -36.17
C PRO A 423 9.80 -0.89 -37.41
N GLY A 424 8.59 -0.35 -37.35
CA GLY A 424 7.87 0.11 -38.54
C GLY A 424 7.11 -0.96 -39.28
N LYS A 425 7.27 -0.98 -40.63
CA LYS A 425 6.43 -1.82 -41.50
C LYS A 425 7.05 -3.12 -41.90
N ARG A 426 8.26 -3.39 -41.44
CA ARG A 426 8.92 -4.65 -41.78
C ARG A 426 9.64 -5.23 -40.59
N TRP A 427 9.57 -6.54 -40.43
CA TRP A 427 10.25 -7.20 -39.32
C TRP A 427 10.54 -8.66 -39.68
N ARG A 428 11.74 -9.15 -39.33
CA ARG A 428 12.21 -10.48 -39.75
C ARG A 428 11.85 -10.74 -41.21
N GLY A 429 11.99 -9.71 -42.03
CA GLY A 429 11.74 -9.78 -43.47
C GLY A 429 10.29 -9.92 -43.92
N ARG A 430 9.31 -9.60 -43.08
CA ARG A 430 7.94 -9.63 -43.52
C ARG A 430 7.28 -8.28 -43.26
N GLU A 431 6.24 -7.99 -44.02
CA GLU A 431 5.48 -6.79 -43.83
C GLU A 431 4.62 -6.95 -42.59
N ILE A 432 4.65 -5.95 -41.73
CA ILE A 432 3.86 -6.01 -40.49
C ILE A 432 3.07 -4.73 -40.34
N ALA A 433 2.01 -4.82 -39.53
CA ALA A 433 1.22 -3.68 -39.15
C ALA A 433 1.97 -2.84 -38.14
N GLU A 434 1.66 -1.57 -38.12
CA GLU A 434 2.14 -0.67 -37.09
C GLU A 434 1.02 -0.41 -36.09
N PRO A 435 1.39 -0.05 -34.86
CA PRO A 435 0.35 0.19 -33.86
C PRO A 435 -0.67 1.26 -34.20
N ARG A 436 -1.89 1.01 -33.77
CA ARG A 436 -2.97 1.96 -33.84
C ARG A 436 -3.14 2.71 -32.56
N GLY A 437 -2.68 2.16 -31.46
CA GLY A 437 -2.65 2.91 -30.22
C GLY A 437 -1.60 4.01 -30.14
N ARG A 438 -1.60 4.68 -29.01
CA ARG A 438 -0.68 5.80 -28.76
C ARG A 438 -0.08 5.63 -27.38
N SER A 439 1.22 5.91 -27.26
CA SER A 439 1.95 5.78 -26.01
C SER A 439 1.35 6.66 -24.92
N TRP A 440 1.21 6.08 -23.74
CA TRP A 440 0.70 6.81 -22.60
C TRP A 440 1.77 7.66 -21.88
N LEU A 441 2.99 7.67 -22.37
CA LEU A 441 4.11 8.25 -21.61
C LEU A 441 3.90 9.74 -21.32
N GLY A 442 3.44 10.47 -22.32
CA GLY A 442 3.23 11.93 -22.18
C GLY A 442 2.17 12.19 -21.10
N TRP A 443 1.06 11.51 -21.25
CA TRP A 443 -0.03 11.62 -20.28
C TRP A 443 0.40 11.28 -18.87
N LEU A 444 0.97 10.10 -18.69
CA LEU A 444 1.31 9.64 -17.38
C LEU A 444 2.46 10.41 -16.75
N SER A 445 3.29 11.04 -17.60
CA SER A 445 4.34 11.92 -17.11
C SER A 445 3.81 13.35 -16.75
N GLY A 446 2.51 13.57 -16.90
CA GLY A 446 1.89 14.82 -16.62
C GLY A 446 2.10 15.89 -17.69
N GLU A 447 2.74 15.57 -18.80
CA GLU A 447 2.90 16.53 -19.92
C GLU A 447 1.59 16.84 -20.60
N THR A 448 0.71 15.84 -20.72
CA THR A 448 -0.59 16.05 -21.31
C THR A 448 -1.69 15.53 -20.39
N GLU A 449 -2.90 15.94 -20.67
CA GLU A 449 -4.05 15.49 -19.87
C GLU A 449 -4.57 14.09 -20.27
N ALA A 450 -4.16 13.60 -21.43
CA ALA A 450 -4.65 12.35 -21.97
C ALA A 450 -3.79 11.99 -23.11
N ALA A 451 -3.83 10.72 -23.48
CA ALA A 451 -3.06 10.24 -24.63
C ALA A 451 -3.81 10.42 -25.93
N HIS A 452 -5.09 10.76 -25.83
CA HIS A 452 -5.96 10.86 -26.99
C HIS A 452 -6.70 12.17 -26.85
N ASP A 453 -7.53 12.49 -27.81
CA ASP A 453 -8.27 13.76 -27.73
C ASP A 453 -9.64 13.68 -28.35
N GLU A 454 -10.32 14.81 -28.49
CA GLU A 454 -11.69 14.85 -28.96
C GLU A 454 -11.87 14.35 -30.41
N ASN A 455 -10.79 14.28 -31.17
CA ASN A 455 -10.85 13.72 -32.52
C ASN A 455 -10.39 12.31 -32.69
N THR A 456 -9.92 11.68 -31.64
CA THR A 456 -9.48 10.28 -31.73
C THR A 456 -10.61 9.39 -32.16
N VAL A 457 -10.33 8.50 -33.10
CA VAL A 457 -11.34 7.56 -33.60
C VAL A 457 -10.97 6.12 -33.34
N THR A 458 -11.91 5.39 -32.78
CA THR A 458 -11.63 4.01 -32.37
C THR A 458 -12.87 3.16 -32.74
N GLY A 459 -12.61 2.04 -33.37
CA GLY A 459 -13.64 1.06 -33.76
C GLY A 459 -13.63 -0.26 -33.00
N TRP A 460 -14.79 -0.91 -33.02
CA TRP A 460 -15.02 -2.25 -32.50
C TRP A 460 -16.01 -2.95 -33.42
N GLY A 461 -15.78 -4.24 -33.59
CA GLY A 461 -16.68 -5.11 -34.35
C GLY A 461 -16.41 -6.60 -34.06
N LEU A 462 -17.43 -7.30 -33.58
CA LEU A 462 -17.36 -8.70 -33.22
C LEU A 462 -18.76 -9.29 -33.03
N PHE A 463 -18.95 -10.50 -33.57
CA PHE A 463 -20.25 -11.18 -33.47
C PHE A 463 -21.39 -10.35 -34.13
N GLY A 464 -21.06 -9.56 -35.15
CA GLY A 464 -22.08 -8.73 -35.81
C GLY A 464 -22.50 -7.46 -35.12
N MET A 465 -21.88 -7.17 -33.98
CA MET A 465 -22.07 -5.93 -33.31
C MET A 465 -20.97 -4.99 -33.71
N ARG A 466 -21.27 -3.70 -33.60
CA ARG A 466 -20.34 -2.65 -34.00
C ARG A 466 -20.30 -1.57 -32.97
N ALA A 467 -19.22 -0.81 -32.93
CA ALA A 467 -19.14 0.49 -32.24
C ALA A 467 -18.08 1.34 -32.93
N ILE A 468 -18.29 2.65 -32.85
CA ILE A 468 -17.39 3.62 -33.44
C ILE A 468 -17.43 4.83 -32.57
N ARG A 469 -16.27 5.24 -32.13
CA ARG A 469 -16.18 6.37 -31.16
C ARG A 469 -15.27 7.46 -31.62
N GLN A 470 -15.70 8.69 -31.48
CA GLN A 470 -14.82 9.80 -31.71
C GLN A 470 -14.95 10.80 -30.55
N GLY A 471 -13.85 11.04 -29.86
CA GLY A 471 -13.83 11.77 -28.59
C GLY A 471 -14.74 11.05 -27.58
N ASP A 472 -15.80 11.74 -27.16
CA ASP A 472 -16.83 11.15 -26.30
C ASP A 472 -18.12 10.78 -26.99
N TRP A 473 -18.13 10.89 -28.32
CA TRP A 473 -19.30 10.49 -29.13
C TRP A 473 -19.14 9.06 -29.56
N LYS A 474 -20.17 8.26 -29.28
CA LYS A 474 -20.14 6.84 -29.66
C LYS A 474 -21.39 6.38 -30.31
N ALA A 475 -21.22 5.71 -31.44
CA ALA A 475 -22.31 4.99 -32.08
C ALA A 475 -22.19 3.48 -31.91
N VAL A 476 -23.33 2.83 -31.71
CA VAL A 476 -23.44 1.42 -31.43
C VAL A 476 -24.44 0.73 -32.36
N TYR A 477 -24.11 -0.49 -32.74
CA TYR A 477 -24.96 -1.34 -33.60
C TYR A 477 -25.09 -2.75 -33.03
N LEU A 478 -26.27 -3.04 -32.53
CA LEU A 478 -26.59 -4.33 -31.96
C LEU A 478 -27.70 -4.97 -32.81
N PRO A 479 -27.39 -6.11 -33.41
CA PRO A 479 -28.37 -6.76 -34.28
C PRO A 479 -29.44 -7.50 -33.52
N ALA A 480 -30.47 -7.94 -34.26
CA ALA A 480 -31.54 -8.75 -33.67
C ALA A 480 -30.91 -10.08 -33.28
N PRO A 481 -31.38 -10.68 -32.20
CA PRO A 481 -32.47 -10.28 -31.35
C PRO A 481 -32.07 -9.41 -30.15
N VAL A 482 -30.79 -8.99 -30.08
CA VAL A 482 -30.29 -8.27 -28.90
C VAL A 482 -30.31 -6.75 -29.04
N GLY A 483 -30.63 -6.22 -30.21
CA GLY A 483 -30.91 -4.80 -30.32
C GLY A 483 -31.72 -4.54 -31.54
N PRO A 484 -31.91 -3.24 -31.86
CA PRO A 484 -32.79 -2.74 -32.92
C PRO A 484 -32.20 -2.86 -34.34
N ALA A 485 -30.98 -3.41 -34.47
CA ALA A 485 -30.31 -3.55 -35.74
C ALA A 485 -30.30 -2.21 -36.50
N THR A 486 -30.08 -1.13 -35.76
CA THR A 486 -29.83 0.18 -36.33
C THR A 486 -28.77 0.88 -35.46
N TRP A 487 -28.05 1.82 -36.05
CA TRP A 487 -27.10 2.61 -35.31
C TRP A 487 -27.74 3.54 -34.27
N GLN A 488 -27.24 3.45 -33.04
CA GLN A 488 -27.70 4.27 -31.97
C GLN A 488 -26.52 5.12 -31.61
N LEU A 489 -26.77 6.35 -31.18
CA LEU A 489 -25.75 7.31 -30.90
C LEU A 489 -25.86 7.84 -29.48
N TYR A 490 -24.73 7.88 -28.82
CA TYR A 490 -24.67 8.29 -27.44
C TYR A 490 -23.58 9.30 -27.16
N ASP A 491 -23.91 10.21 -26.26
CA ASP A 491 -22.95 11.17 -25.74
C ASP A 491 -22.46 10.61 -24.45
N LEU A 492 -21.32 9.93 -24.50
CA LEU A 492 -20.81 9.21 -23.30
C LEU A 492 -20.48 10.16 -22.17
N ALA A 493 -20.20 11.43 -22.48
CA ALA A 493 -19.90 12.37 -21.42
C ALA A 493 -21.16 12.69 -20.58
N ARG A 494 -22.32 12.68 -21.20
CA ARG A 494 -23.55 12.96 -20.46
C ARG A 494 -24.32 11.67 -20.13
N ASP A 495 -24.03 10.56 -20.82
CA ASP A 495 -24.86 9.35 -20.76
C ASP A 495 -23.94 8.10 -20.88
N PRO A 496 -23.12 7.88 -19.84
CA PRO A 496 -22.31 6.66 -19.76
C PRO A 496 -23.11 5.33 -19.87
N GLY A 497 -24.40 5.33 -19.51
CA GLY A 497 -25.17 4.12 -19.59
C GLY A 497 -25.70 3.81 -20.97
N GLU A 498 -25.41 4.67 -21.96
CA GLU A 498 -25.88 4.44 -23.31
C GLU A 498 -27.40 4.19 -23.34
N ILE A 499 -28.11 5.13 -22.70
CA ILE A 499 -29.54 5.09 -22.51
C ILE A 499 -30.27 5.98 -23.51
N HIS A 500 -29.73 7.14 -23.81
CA HIS A 500 -30.48 8.12 -24.65
C HIS A 500 -29.89 8.18 -26.04
N ASP A 501 -30.56 7.51 -26.95
CA ASP A 501 -30.21 7.48 -28.35
C ASP A 501 -30.45 8.86 -28.95
N LEU A 502 -29.39 9.43 -29.46
CA LEU A 502 -29.42 10.76 -30.04
C LEU A 502 -29.38 10.74 -31.53
N ALA A 503 -29.60 9.57 -32.12
CA ALA A 503 -29.49 9.42 -33.56
C ALA A 503 -30.41 10.41 -34.30
N ASP A 504 -31.61 10.60 -33.80
CA ASP A 504 -32.57 11.50 -34.45
C ASP A 504 -32.32 12.96 -34.13
N SER A 505 -31.78 13.28 -32.96
CA SER A 505 -31.54 14.66 -32.60
C SER A 505 -30.19 15.19 -33.10
N GLN A 506 -29.22 14.30 -33.40
CA GLN A 506 -27.88 14.71 -33.83
C GLN A 506 -27.50 13.90 -35.05
N PRO A 507 -28.30 14.00 -36.12
CA PRO A 507 -28.08 13.15 -37.28
C PRO A 507 -26.79 13.46 -38.05
N GLY A 508 -26.26 14.67 -37.90
CA GLY A 508 -25.01 15.08 -38.55
C GLY A 508 -23.83 14.37 -37.91
N LYS A 509 -23.89 14.27 -36.59
CA LYS A 509 -22.87 13.57 -35.83
C LYS A 509 -22.88 12.09 -36.13
N LEU A 510 -24.05 11.46 -36.18
CA LEU A 510 -24.13 10.03 -36.53
C LEU A 510 -23.52 9.75 -37.90
N ALA A 511 -23.93 10.58 -38.86
CA ALA A 511 -23.37 10.50 -40.21
C ALA A 511 -21.85 10.46 -40.24
N GLU A 512 -21.19 11.37 -39.51
CA GLU A 512 -19.74 11.40 -39.44
C GLU A 512 -19.22 10.08 -38.92
N LEU A 513 -19.88 9.55 -37.90
CA LEU A 513 -19.41 8.35 -37.26
C LEU A 513 -19.53 7.17 -38.14
N ILE A 514 -20.58 7.16 -38.96
CA ILE A 514 -20.71 6.09 -39.94
C ILE A 514 -19.59 6.18 -40.99
N GLU A 515 -19.18 7.38 -41.40
CA GLU A 515 -17.97 7.51 -42.23
C GLU A 515 -16.73 6.99 -41.54
N HIS A 516 -16.57 7.32 -40.27
CA HIS A 516 -15.49 6.71 -39.52
C HIS A 516 -15.51 5.19 -39.44
N TRP A 517 -16.71 4.62 -39.30
CA TRP A 517 -16.90 3.17 -39.24
C TRP A 517 -16.46 2.54 -40.52
N LYS A 518 -16.82 3.14 -41.63
CA LYS A 518 -16.43 2.55 -42.94
C LYS A 518 -14.93 2.52 -43.12
N ARG A 519 -14.25 3.58 -42.68
N ARG A 519 -14.27 3.57 -42.67
CA ARG A 519 -12.78 3.64 -42.73
CA ARG A 519 -12.81 3.64 -42.70
C ARG A 519 -12.21 2.58 -41.82
C ARG A 519 -12.22 2.56 -41.82
N TYR A 520 -12.83 2.37 -40.65
CA TYR A 520 -12.37 1.32 -39.70
C TYR A 520 -12.45 -0.04 -40.35
N VAL A 521 -13.59 -0.35 -40.92
CA VAL A 521 -13.80 -1.60 -41.64
C VAL A 521 -12.73 -1.79 -42.71
N SER A 522 -12.51 -0.71 -43.47
CA SER A 522 -11.46 -0.64 -44.49
C SER A 522 -10.04 -0.78 -43.96
N ASP A 523 -9.65 -0.02 -42.96
CA ASP A 523 -8.26 -0.11 -42.43
C ASP A 523 -7.97 -1.43 -41.78
N THR A 524 -8.99 -2.07 -41.16
CA THR A 524 -8.69 -3.26 -40.35
C THR A 524 -9.14 -4.58 -40.95
N GLY A 525 -9.86 -4.56 -42.07
CA GLY A 525 -10.36 -5.81 -42.66
C GLY A 525 -11.54 -6.47 -41.95
N VAL A 526 -12.43 -5.68 -41.36
CA VAL A 526 -13.65 -6.25 -40.77
C VAL A 526 -14.53 -6.95 -41.83
N VAL A 527 -14.94 -8.20 -41.56
CA VAL A 527 -15.89 -8.93 -42.40
C VAL A 527 -17.02 -9.48 -41.53
N GLU A 528 -18.24 -9.06 -41.79
CA GLU A 528 -19.37 -9.61 -41.05
C GLU A 528 -20.02 -10.72 -41.88
N GLY A 529 -20.36 -11.82 -41.20
CA GLY A 529 -21.07 -12.92 -41.88
C GLY A 529 -22.59 -12.79 -41.75
N ALA A 530 -23.29 -13.57 -42.56
CA ALA A 530 -24.71 -13.78 -42.39
C ALA A 530 -24.86 -14.67 -41.16
N SER A 531 -25.77 -14.29 -40.27
CA SER A 531 -25.89 -14.82 -38.90
C SER A 531 -24.76 -14.31 -37.96
N PRO A 532 -25.07 -13.29 -37.14
CA PRO A 532 -24.12 -12.84 -36.11
C PRO A 532 -23.74 -13.95 -35.13
N PHE A 533 -24.78 -14.67 -34.70
CA PHE A 533 -24.76 -15.78 -33.76
C PHE A 533 -26.21 -16.25 -33.75
N LEU A 534 -26.46 -17.41 -33.14
CA LEU A 534 -27.83 -17.82 -32.83
C LEU A 534 -28.05 -18.11 -31.33
N VAL A 535 -29.11 -17.51 -30.78
CA VAL A 535 -29.57 -17.85 -29.45
C VAL A 535 -30.84 -18.71 -29.61
N ARG A 536 -31.15 -19.48 -28.57
CA ARG A 536 -32.30 -20.40 -28.56
C ARG A 536 -32.43 -21.03 -27.17
N LYS B 3 13.03 17.63 -9.89
CA LYS B 3 12.11 18.40 -8.99
C LYS B 3 12.39 18.01 -7.54
N ARG B 4 12.40 19.01 -6.67
CA ARG B 4 12.80 18.78 -5.27
C ARG B 4 11.67 18.10 -4.49
N PRO B 5 12.01 17.10 -3.68
CA PRO B 5 10.93 16.40 -2.95
C PRO B 5 10.39 17.17 -1.79
N ASN B 6 9.16 16.85 -1.43
CA ASN B 6 8.61 17.20 -0.15
C ASN B 6 9.22 16.26 0.93
N PHE B 7 9.03 16.63 2.18
CA PHE B 7 9.36 15.80 3.35
C PHE B 7 8.17 15.70 4.28
N LEU B 8 7.92 14.52 4.82
CA LEU B 8 6.85 14.32 5.82
C LEU B 8 7.54 13.51 6.89
N VAL B 9 7.88 14.22 7.99
CA VAL B 9 8.52 13.60 9.09
C VAL B 9 7.48 13.43 10.20
N ILE B 10 7.15 12.17 10.51
CA ILE B 10 6.09 11.81 11.47
C ILE B 10 6.78 11.11 12.65
N VAL B 11 6.50 11.64 13.86
CA VAL B 11 7.10 11.14 15.08
C VAL B 11 6.03 10.74 16.07
N ALA B 12 6.06 9.44 16.46
CA ALA B 12 5.20 8.92 17.54
C ALA B 12 5.93 9.17 18.86
N ASP B 13 5.16 9.36 19.92
CA ASP B 13 5.67 9.68 21.21
C ASP B 13 5.52 8.44 22.15
N ASP B 14 6.62 7.73 22.37
CA ASP B 14 6.70 6.57 23.26
C ASP B 14 6.13 5.32 22.65
N LEU B 15 5.91 5.35 21.35
CA LEU B 15 5.49 4.17 20.64
C LEU B 15 6.58 3.09 20.71
N GLY B 16 6.20 1.85 20.92
CA GLY B 16 7.21 0.77 21.08
C GLY B 16 7.63 0.08 19.79
N PHE B 17 8.78 -0.60 19.82
CA PHE B 17 9.33 -1.20 18.63
C PHE B 17 8.36 -2.14 17.85
N SER B 18 7.67 -3.05 18.56
CA SER B 18 6.80 -4.05 17.86
C SER B 18 5.29 -3.75 17.92
N ASP B 19 4.91 -2.48 18.15
CA ASP B 19 3.46 -2.09 18.27
C ASP B 19 2.77 -2.05 16.88
N ILE B 20 3.43 -1.49 15.86
CA ILE B 20 2.84 -1.40 14.47
C ILE B 20 2.78 -2.79 13.84
N GLY B 21 1.74 -3.00 13.04
CA GLY B 21 1.54 -4.30 12.32
C GLY B 21 2.77 -4.76 11.55
N ALA B 22 3.37 -3.84 10.78
CA ALA B 22 4.57 -4.21 9.99
C ALA B 22 5.84 -4.38 10.81
N PHE B 23 5.81 -4.03 12.10
CA PHE B 23 6.89 -4.32 13.00
C PHE B 23 6.50 -5.38 14.05
N GLY B 24 5.50 -6.20 13.74
CA GLY B 24 5.21 -7.41 14.54
C GLY B 24 4.02 -7.27 15.42
N GLY B 25 3.30 -6.16 15.35
CA GLY B 25 2.16 -5.93 16.26
C GLY B 25 0.78 -6.32 15.81
N GLU B 26 -0.12 -6.41 16.80
CA GLU B 26 -1.54 -6.71 16.63
C GLU B 26 -2.46 -5.49 16.55
N ILE B 27 -1.89 -4.30 16.79
CA ILE B 27 -2.61 -3.06 16.77
C ILE B 27 -2.90 -2.72 15.32
N ALA B 28 -4.14 -2.24 15.02
CA ALA B 28 -4.50 -1.95 13.64
C ALA B 28 -3.77 -0.69 13.19
N THR B 29 -2.78 -0.84 12.31
CA THR B 29 -2.05 0.32 11.76
C THR B 29 -1.95 0.18 10.25
N PRO B 30 -3.10 0.16 9.57
CA PRO B 30 -3.05 -0.12 8.12
C PRO B 30 -2.27 0.92 7.29
N ASN B 31 -2.35 2.19 7.68
CA ASN B 31 -1.67 3.27 6.92
C ASN B 31 -0.17 3.21 7.04
N LEU B 32 0.29 3.05 8.26
CA LEU B 32 1.70 2.84 8.51
C LEU B 32 2.25 1.54 7.92
N ASP B 33 1.43 0.51 7.95
CA ASP B 33 1.87 -0.77 7.37
C ASP B 33 2.17 -0.60 5.88
N ALA B 34 1.33 0.14 5.19
CA ALA B 34 1.42 0.28 3.72
C ALA B 34 2.73 0.99 3.38
N LEU B 35 3.01 2.05 4.14
CA LEU B 35 4.27 2.82 4.06
C LEU B 35 5.50 1.96 4.42
N ALA B 36 5.39 1.14 5.47
CA ALA B 36 6.52 0.34 5.95
C ALA B 36 6.84 -0.78 4.97
N ILE B 37 5.82 -1.48 4.49
CA ILE B 37 6.10 -2.61 3.63
C ILE B 37 6.60 -2.19 2.25
N ALA B 38 6.06 -1.10 1.71
CA ALA B 38 6.58 -0.53 0.45
C ALA B 38 7.97 0.09 0.64
N GLY B 39 8.21 0.65 1.81
CA GLY B 39 9.43 1.34 2.09
C GLY B 39 10.47 0.47 2.74
N LEU B 40 11.34 1.10 3.57
CA LEU B 40 12.42 0.42 4.20
C LEU B 40 12.26 0.48 5.68
N ARG B 41 12.15 -0.71 6.29
CA ARG B 41 12.04 -0.80 7.76
C ARG B 41 13.39 -0.96 8.37
N LEU B 42 13.63 -0.14 9.39
CA LEU B 42 14.94 -0.07 10.09
C LEU B 42 14.77 -0.76 11.42
N THR B 43 15.64 -1.76 11.69
CA THR B 43 15.74 -2.45 12.97
C THR B 43 16.94 -1.99 13.85
N ASP B 44 17.78 -1.09 13.34
CA ASP B 44 18.99 -0.65 14.08
C ASP B 44 19.08 0.87 14.00
N PHE B 45 17.92 1.52 14.08
CA PHE B 45 17.79 2.94 14.12
C PHE B 45 17.60 3.38 15.55
N HIS B 46 18.35 4.42 15.91
CA HIS B 46 18.50 4.91 17.28
C HIS B 46 18.16 6.39 17.48
N THR B 47 17.46 6.64 18.58
CA THR B 47 17.27 7.98 19.15
C THR B 47 18.10 8.17 20.39
N ALA B 48 17.82 9.23 21.13
CA ALA B 48 18.13 9.32 22.52
C ALA B 48 17.08 8.58 23.32
N SER B 49 17.25 8.55 24.62
CA SER B 49 16.42 7.76 25.52
C SER B 49 15.22 8.49 26.04
N ALA B 50 15.09 9.76 25.67
CA ALA B 50 13.91 10.48 25.99
C ALA B 50 13.54 11.58 24.94
N DDZ B 51 12.29 12.05 25.06
CA DDZ B 51 11.59 12.88 24.08
C DDZ B 51 12.33 14.13 23.63
O DDZ B 51 12.57 14.26 22.47
OG1 DDZ B 51 9.49 12.21 25.22
OG2 DDZ B 51 9.63 14.38 23.97
CB DDZ B 51 10.28 13.33 24.75
N SER B 52 12.70 15.05 24.53
CA SER B 52 13.26 16.37 24.13
C SER B 52 14.68 16.26 23.64
N PRO B 53 15.53 15.40 24.27
CA PRO B 53 16.84 15.10 23.67
C PRO B 53 16.72 14.61 22.25
N THR B 54 15.87 13.57 22.03
CA THR B 54 15.70 13.07 20.64
C THR B 54 15.24 14.20 19.66
N ARG B 55 14.27 14.98 20.06
CA ARG B 55 13.70 16.01 19.16
C ARG B 55 14.75 17.06 18.80
N SER B 56 15.57 17.45 19.78
CA SER B 56 16.68 18.40 19.51
C SER B 56 17.71 17.87 18.50
N MET B 57 17.92 16.55 18.53
CA MET B 57 18.81 15.89 17.59
C MET B 57 18.20 15.73 16.21
N LEU B 58 16.93 15.34 16.20
CA LEU B 58 16.22 15.16 14.92
C LEU B 58 16.29 16.48 14.09
N LEU B 59 16.07 17.59 14.74
CA LEU B 59 16.00 18.87 14.02
C LEU B 59 17.28 19.61 13.83
N THR B 60 18.40 19.04 14.29
CA THR B 60 19.71 19.66 14.15
C THR B 60 20.77 18.80 13.44
N GLY B 61 20.72 17.47 13.55
CA GLY B 61 21.79 16.58 13.11
C GLY B 61 22.98 16.43 14.05
N THR B 62 22.90 17.04 15.23
CA THR B 62 23.93 16.86 16.26
C THR B 62 23.35 16.31 17.58
N ASP B 63 24.22 16.17 18.57
CA ASP B 63 23.86 15.56 19.85
C ASP B 63 23.08 16.54 20.74
N HIS B 64 22.17 16.02 21.57
CA HIS B 64 21.33 16.87 22.41
C HIS B 64 22.09 17.68 23.51
N HIS B 65 23.29 17.22 23.89
CA HIS B 65 24.12 17.93 24.88
C HIS B 65 24.71 19.19 24.23
N ILE B 66 24.84 19.18 22.90
CA ILE B 66 25.15 20.44 22.16
C ILE B 66 23.92 21.35 21.92
N ALA B 67 22.80 20.74 21.54
CA ALA B 67 21.63 21.45 21.02
C ALA B 67 20.76 22.13 22.02
N GLY B 68 21.02 21.93 23.32
CA GLY B 68 20.26 22.65 24.33
C GLY B 68 19.42 21.83 25.29
N ILE B 69 19.44 20.49 25.15
CA ILE B 69 18.62 19.61 25.98
C ILE B 69 19.57 18.57 26.55
N GLY B 70 20.60 19.05 27.24
CA GLY B 70 21.61 18.16 27.82
C GLY B 70 20.92 17.24 28.82
N THR B 71 19.87 17.73 29.48
CA THR B 71 18.99 16.88 30.23
C THR B 71 17.59 17.43 29.99
N VAL B 72 16.61 16.69 30.43
CA VAL B 72 15.22 17.09 30.24
C VAL B 72 14.97 18.31 31.14
N ALA B 73 14.33 19.30 30.55
CA ALA B 73 14.16 20.58 31.23
C ALA B 73 13.44 20.39 32.61
N GLU B 74 12.50 19.48 32.66
CA GLU B 74 11.61 19.29 33.81
C GLU B 74 12.32 18.71 35.01
N ALA B 75 13.59 18.36 34.83
CA ALA B 75 14.38 17.74 35.87
C ALA B 75 15.82 18.25 35.85
N LEU B 76 15.98 19.55 35.55
CA LEU B 76 17.27 20.21 35.67
C LEU B 76 17.62 20.25 37.16
N THR B 77 18.82 19.79 37.47
CA THR B 77 19.32 19.80 38.85
C THR B 77 20.20 21.07 39.06
N PRO B 78 20.70 21.32 40.29
CA PRO B 78 21.46 22.58 40.49
C PRO B 78 22.82 22.65 39.80
N GLU B 79 23.53 21.52 39.80
CA GLU B 79 24.86 21.43 39.15
C GLU B 79 24.79 21.46 37.60
N LEU B 80 23.59 21.33 37.04
CA LEU B 80 23.40 21.36 35.58
C LEU B 80 22.91 22.70 35.04
N GLU B 81 22.12 23.45 35.81
CA GLU B 81 21.57 24.71 35.24
C GLU B 81 22.70 25.68 35.00
N GLY B 82 22.65 26.38 33.86
CA GLY B 82 23.67 27.31 33.44
C GLY B 82 24.74 26.70 32.53
N LYS B 83 24.87 25.38 32.51
CA LYS B 83 25.89 24.73 31.67
C LYS B 83 25.50 24.83 30.19
N PRO B 84 26.49 25.07 29.34
CA PRO B 84 26.19 25.19 27.93
C PRO B 84 25.64 23.87 27.34
N GLY B 85 24.54 24.00 26.59
CA GLY B 85 23.84 22.83 26.04
C GLY B 85 22.78 22.33 27.01
N TYR B 86 22.77 22.86 28.23
CA TYR B 86 21.75 22.50 29.24
C TYR B 86 20.72 23.60 29.44
N GLU B 87 20.52 24.44 28.42
CA GLU B 87 19.54 25.51 28.49
C GLU B 87 18.08 25.03 28.78
N GLY B 88 17.73 23.80 28.40
CA GLY B 88 16.35 23.29 28.48
C GLY B 88 15.45 23.68 27.29
N HIS B 89 16.02 24.31 26.27
CA HIS B 89 15.30 24.56 25.02
C HIS B 89 16.32 24.47 23.91
N LEU B 90 15.82 24.39 22.69
CA LEU B 90 16.68 24.40 21.53
C LEU B 90 17.42 25.73 21.57
N ASN B 91 18.73 25.67 21.51
CA ASN B 91 19.52 26.85 21.75
C ASN B 91 20.00 27.50 20.46
N GLU B 92 20.76 28.57 20.60
CA GLU B 92 21.29 29.30 19.43
C GLU B 92 22.69 28.88 19.01
N ARG B 93 23.19 27.81 19.63
CA ARG B 93 24.44 27.17 19.18
C ARG B 93 24.17 26.18 18.04
N VAL B 94 22.91 26.05 17.67
CA VAL B 94 22.50 25.28 16.51
C VAL B 94 21.50 25.99 15.61
N VAL B 95 21.51 25.58 14.35
CA VAL B 95 20.49 25.95 13.41
C VAL B 95 19.59 24.72 13.19
N ALA B 96 18.31 24.97 13.17
CA ALA B 96 17.34 23.89 12.94
C ALA B 96 17.08 23.60 11.42
N LEU B 97 16.83 22.34 11.09
CA LEU B 97 16.37 21.92 9.74
C LEU B 97 15.34 22.80 9.06
N PRO B 98 14.20 23.09 9.75
CA PRO B 98 13.27 24.00 9.12
C PRO B 98 13.80 25.39 8.79
N GLU B 99 14.66 25.91 9.65
CA GLU B 99 15.25 27.22 9.39
C GLU B 99 15.99 27.22 8.11
N LEU B 100 16.80 26.15 7.88
CA LEU B 100 17.56 25.99 6.66
C LEU B 100 16.71 25.71 5.43
N LEU B 101 15.64 24.93 5.57
CA LEU B 101 14.80 24.59 4.41
C LEU B 101 13.98 25.81 3.99
N ARG B 102 13.47 26.54 4.97
CA ARG B 102 12.65 27.72 4.71
C ARG B 102 13.40 28.77 3.87
N GLU B 103 14.68 28.96 4.11
CA GLU B 103 15.46 29.92 3.31
C GLU B 103 15.76 29.41 1.90
N ALA B 104 15.52 28.11 1.66
CA ALA B 104 15.69 27.53 0.30
C ALA B 104 14.36 27.22 -0.37
N GLY B 105 13.33 28.00 -0.03
CA GLY B 105 12.05 27.94 -0.68
C GLY B 105 11.03 26.91 -0.20
N TYR B 106 11.35 26.12 0.83
CA TYR B 106 10.37 25.17 1.39
C TYR B 106 9.34 25.86 2.25
N GLN B 107 8.10 25.39 2.17
CA GLN B 107 7.09 25.80 3.14
C GLN B 107 7.21 24.84 4.35
N THR B 108 7.41 25.41 5.52
CA THR B 108 7.66 24.61 6.74
C THR B 108 6.37 24.59 7.53
N LEU B 109 5.80 23.40 7.77
CA LEU B 109 4.48 23.27 8.32
C LEU B 109 4.61 22.25 9.45
N MET B 110 3.99 22.51 10.60
CA MET B 110 4.01 21.59 11.76
C MET B 110 2.66 21.50 12.46
N ALA B 111 2.25 20.29 12.85
CA ALA B 111 1.17 20.14 13.82
C ALA B 111 1.53 19.01 14.80
N GLY B 112 1.70 19.36 16.08
CA GLY B 112 2.01 18.36 17.09
C GLY B 112 2.77 18.90 18.27
N LYS B 113 3.42 17.96 18.99
CA LYS B 113 4.18 18.28 20.18
C LYS B 113 5.56 18.86 19.83
N TRP B 114 5.96 19.89 20.59
CA TRP B 114 7.21 20.58 20.32
C TRP B 114 8.30 20.03 21.28
N HIS B 115 8.09 20.36 22.55
CA HIS B 115 8.96 19.97 23.62
C HIS B 115 10.39 20.56 23.54
N LEU B 116 10.53 21.64 22.80
CA LEU B 116 11.83 22.27 22.61
C LEU B 116 11.84 23.73 23.14
N GLY B 117 10.89 24.10 23.95
CA GLY B 117 10.85 25.48 24.54
C GLY B 117 9.47 26.00 24.63
N LEU B 118 9.21 26.77 25.71
CA LEU B 118 7.88 27.24 26.06
C LEU B 118 7.70 28.69 25.74
N LYS B 119 8.81 29.40 25.63
CA LYS B 119 8.74 30.87 25.46
C LYS B 119 8.63 31.30 24.00
N PRO B 120 8.13 32.52 23.78
CA PRO B 120 7.88 33.04 22.42
C PRO B 120 9.01 32.86 21.47
N GLU B 121 10.20 33.20 21.92
N GLU B 121 10.22 33.23 21.83
CA GLU B 121 11.38 33.16 21.07
CA GLU B 121 11.24 33.13 20.81
C GLU B 121 11.90 31.71 20.88
C GLU B 121 11.87 31.72 20.82
N GLN B 122 11.21 30.76 21.49
CA GLN B 122 11.57 29.30 21.44
C GLN B 122 10.55 28.42 20.76
N THR B 123 9.45 29.02 20.26
CA THR B 123 8.37 28.33 19.58
C THR B 123 8.77 27.82 18.16
N PRO B 124 7.93 26.88 17.61
CA PRO B 124 8.10 26.49 16.18
C PRO B 124 8.16 27.70 15.23
N HIS B 125 7.29 28.70 15.46
CA HIS B 125 7.31 29.92 14.66
C HIS B 125 8.65 30.66 14.74
N ALA B 126 9.22 30.76 15.92
CA ALA B 126 10.57 31.33 16.13
C ALA B 126 11.71 30.51 15.55
N ARG B 127 11.56 29.18 15.47
CA ARG B 127 12.61 28.32 14.99
C ARG B 127 12.33 27.75 13.58
N GLY B 128 11.64 28.51 12.73
CA GLY B 128 11.66 28.22 11.31
C GLY B 128 10.43 27.63 10.66
N PHE B 129 9.33 27.45 11.42
CA PHE B 129 8.07 26.99 10.81
C PHE B 129 7.19 28.16 10.46
N GLU B 130 6.77 28.23 9.19
CA GLU B 130 5.90 29.33 8.81
C GLU B 130 4.51 29.11 9.27
N ARG B 131 4.08 27.85 9.39
CA ARG B 131 2.78 27.56 9.98
C ARG B 131 2.89 26.40 10.96
N SER B 132 2.31 26.60 12.14
CA SER B 132 2.47 25.64 13.23
C SER B 132 1.30 25.65 14.17
N PHE B 133 0.91 24.45 14.59
CA PHE B 133 -0.12 24.30 15.62
C PHE B 133 0.52 23.32 16.62
N SER B 134 0.91 23.78 17.82
CA SER B 134 1.79 22.98 18.67
C SER B 134 1.42 22.97 20.18
N LEU B 135 1.59 21.77 20.78
CA LEU B 135 1.64 21.58 22.19
C LEU B 135 3.05 21.84 22.57
N LEU B 136 3.30 22.87 23.34
CA LEU B 136 4.68 23.20 23.69
C LEU B 136 5.33 22.28 24.73
N PRO B 137 4.58 21.88 25.77
CA PRO B 137 5.22 21.01 26.80
C PRO B 137 5.45 19.54 26.33
N GLY B 138 5.92 18.69 27.23
CA GLY B 138 6.27 17.29 26.92
C GLY B 138 5.06 16.37 26.92
N ALA B 139 4.00 16.84 27.58
CA ALA B 139 2.76 16.12 27.60
C ALA B 139 1.63 17.05 28.06
N ALA B 140 0.42 16.52 27.91
CA ALA B 140 -0.82 17.17 28.35
C ALA B 140 -1.96 16.21 28.19
N ASN B 141 -3.07 16.54 28.82
CA ASN B 141 -4.30 15.80 28.66
C ASN B 141 -4.65 15.86 27.14
N HIS B 142 -4.86 14.70 26.53
CA HIS B 142 -5.25 14.65 25.15
C HIS B 142 -6.59 15.32 24.75
N TYR B 143 -7.46 15.51 25.71
CA TYR B 143 -8.75 16.12 25.49
C TYR B 143 -8.75 17.56 25.98
N GLY B 144 -7.63 18.05 26.50
CA GLY B 144 -7.57 19.39 27.11
C GLY B 144 -8.21 19.57 28.48
N PHE B 145 -8.60 18.48 29.18
CA PHE B 145 -9.12 18.57 30.57
C PHE B 145 -7.99 18.80 31.55
N GLU B 146 -8.10 19.89 32.28
CA GLU B 146 -7.04 20.36 33.14
C GLU B 146 -7.42 20.13 34.59
N PRO B 147 -6.45 19.65 35.39
CA PRO B 147 -6.75 19.66 36.83
C PRO B 147 -6.68 21.09 37.39
N PRO B 148 -7.09 21.27 38.65
CA PRO B 148 -6.76 22.52 39.30
C PRO B 148 -5.24 22.69 39.41
N TYR B 149 -4.76 23.89 39.10
CA TYR B 149 -3.36 24.20 39.23
C TYR B 149 -3.12 25.10 40.43
N ASP B 150 -2.56 24.54 41.48
CA ASP B 150 -2.10 25.32 42.63
C ASP B 150 -1.02 24.57 43.38
N GLU B 151 -0.64 25.09 44.55
CA GLU B 151 0.51 24.55 45.27
C GLU B 151 0.34 23.08 45.67
N SER B 152 -0.89 22.63 45.81
CA SER B 152 -1.21 21.22 46.05
C SER B 152 -1.16 20.27 44.78
N THR B 153 -0.96 20.87 43.60
CA THR B 153 -0.81 20.12 42.35
C THR B 153 0.55 19.42 42.19
N PRO B 154 0.52 18.09 41.91
CA PRO B 154 1.75 17.35 41.64
C PRO B 154 2.57 18.05 40.57
N ARG B 155 3.87 18.10 40.82
CA ARG B 155 4.82 18.76 39.89
C ARG B 155 4.68 18.24 38.40
N ILE B 156 4.51 16.95 38.24
CA ILE B 156 4.39 16.35 36.90
C ILE B 156 3.16 16.90 36.13
N LEU B 157 2.09 17.21 36.86
CA LEU B 157 0.90 17.80 36.28
C LEU B 157 1.07 19.26 35.97
N LYS B 158 1.69 19.97 36.93
CA LYS B 158 2.01 21.37 36.75
C LYS B 158 2.84 21.59 35.50
N GLY B 159 3.76 20.67 35.21
CA GLY B 159 4.63 20.81 34.03
C GLY B 159 4.04 20.33 32.69
N THR B 160 2.79 19.88 32.69
CA THR B 160 2.12 19.34 31.51
C THR B 160 0.75 19.97 31.30
N PRO B 161 0.67 21.33 31.33
CA PRO B 161 -0.59 21.92 30.92
C PRO B 161 -0.80 21.80 29.41
N ALA B 162 -2.05 21.96 29.01
CA ALA B 162 -2.38 21.94 27.59
C ALA B 162 -2.07 23.32 27.05
N LEU B 163 -0.80 23.57 26.87
CA LEU B 163 -0.29 24.85 26.39
C LEU B 163 0.05 24.76 24.89
N TYR B 164 -0.89 25.30 24.12
CA TYR B 164 -0.90 25.29 22.69
C TYR B 164 -0.67 26.67 22.09
N VAL B 165 0.09 26.68 21.05
CA VAL B 165 0.27 27.90 20.25
C VAL B 165 -0.09 27.61 18.76
N GLU B 166 -0.68 28.60 18.06
CA GLU B 166 -0.77 28.56 16.61
C GLU B 166 0.00 29.73 16.06
N ASP B 167 1.14 29.43 15.46
CA ASP B 167 2.09 30.44 15.01
C ASP B 167 2.58 31.28 16.22
N GLU B 168 2.18 32.54 16.31
CA GLU B 168 2.63 33.42 17.38
C GLU B 168 1.62 33.53 18.45
N ARG B 169 0.44 32.95 18.24
CA ARG B 169 -0.65 33.15 19.15
C ARG B 169 -0.71 32.00 20.17
N TYR B 170 -0.61 32.34 21.46
CA TYR B 170 -0.89 31.39 22.57
C TYR B 170 -2.40 31.25 22.70
N LEU B 171 -2.91 30.04 22.54
CA LEU B 171 -4.35 29.84 22.45
C LEU B 171 -5.05 29.93 23.80
N ASP B 172 -6.20 30.58 23.85
CA ASP B 172 -6.99 30.70 25.10
C ASP B 172 -7.94 29.52 25.29
N THR B 173 -8.36 28.96 24.20
CA THR B 173 -9.33 27.91 24.24
C THR B 173 -8.92 26.92 23.19
N LEU B 174 -9.40 25.69 23.36
CA LEU B 174 -9.30 24.67 22.33
C LEU B 174 -10.70 24.47 21.80
N PRO B 175 -10.81 24.07 20.53
CA PRO B 175 -12.10 23.63 19.95
C PRO B 175 -12.85 22.57 20.75
N GLU B 176 -14.18 22.52 20.60
CA GLU B 176 -14.96 21.37 21.11
C GLU B 176 -14.51 20.17 20.34
N GLY B 177 -14.62 19.02 20.97
CA GLY B 177 -14.18 17.83 20.39
C GLY B 177 -12.68 17.69 20.26
N PHE B 178 -11.87 18.57 20.89
CA PHE B 178 -10.45 18.50 20.74
C PHE B 178 -9.97 17.11 21.25
N TYR B 179 -9.18 16.45 20.43
CA TYR B 179 -8.43 15.21 20.79
C TYR B 179 -7.11 15.32 20.07
N SER B 180 -6.02 15.34 20.83
CA SER B 180 -4.73 15.67 20.30
C SER B 180 -4.47 15.12 18.87
N SER B 181 -4.44 13.80 18.72
CA SER B 181 -4.08 13.24 17.40
C SER B 181 -4.93 13.79 16.26
N ASP B 182 -6.20 14.03 16.55
CA ASP B 182 -7.17 14.41 15.54
C ASP B 182 -6.92 15.86 15.20
N ALA B 183 -6.66 16.67 16.22
CA ALA B 183 -6.35 18.10 16.04
C ALA B 183 -5.09 18.26 15.18
N PHE B 184 -4.09 17.39 15.43
CA PHE B 184 -2.85 17.46 14.69
C PHE B 184 -3.11 17.05 13.25
N GLY B 185 -3.86 15.98 13.03
CA GLY B 185 -4.24 15.66 11.67
C GLY B 185 -4.98 16.77 10.99
N ASP B 186 -5.95 17.33 11.71
CA ASP B 186 -6.77 18.40 11.14
C ASP B 186 -5.91 19.59 10.65
N LYS B 187 -5.01 20.04 11.51
CA LYS B 187 -4.24 21.25 11.27
C LYS B 187 -3.20 21.04 10.21
N LEU B 188 -2.52 19.90 10.21
CA LEU B 188 -1.61 19.67 9.14
C LEU B 188 -2.32 19.53 7.78
N LEU B 189 -3.48 18.88 7.76
CA LEU B 189 -4.26 18.75 6.53
C LEU B 189 -4.63 20.16 6.03
N GLN B 190 -5.10 21.00 6.94
CA GLN B 190 -5.43 22.40 6.62
C GLN B 190 -4.23 23.11 5.99
N TYR B 191 -3.09 23.06 6.65
CA TYR B 191 -1.88 23.66 6.16
C TYR B 191 -1.49 23.17 4.78
N LEU B 192 -1.66 21.86 4.54
CA LEU B 192 -1.30 21.28 3.29
C LEU B 192 -2.30 21.77 2.21
N LYS B 193 -3.58 21.84 2.54
CA LYS B 193 -4.58 22.26 1.58
C LYS B 193 -4.44 23.73 1.20
N GLU B 194 -3.94 24.53 2.13
CA GLU B 194 -3.72 25.92 1.94
C GLU B 194 -2.35 26.24 1.33
N ARG B 195 -1.51 25.25 1.05
CA ARG B 195 -0.15 25.53 0.65
C ARG B 195 -0.05 26.14 -0.75
N ASP B 196 1.11 26.70 -1.02
CA ASP B 196 1.52 26.99 -2.38
C ASP B 196 1.90 25.69 -3.10
N GLN B 197 1.03 25.21 -4.00
CA GLN B 197 1.26 23.94 -4.68
C GLN B 197 2.44 23.87 -5.64
N SER B 198 3.03 25.03 -5.97
CA SER B 198 4.15 25.05 -6.91
C SER B 198 5.49 25.01 -6.20
N ARG B 199 5.51 24.93 -4.85
CA ARG B 199 6.78 24.78 -4.10
C ARG B 199 6.71 23.63 -3.10
N PRO B 200 7.85 22.98 -2.78
CA PRO B 200 7.79 21.83 -1.86
C PRO B 200 7.53 22.26 -0.40
N PHE B 201 7.19 21.26 0.42
CA PHE B 201 6.89 21.47 1.81
C PHE B 201 7.75 20.49 2.63
N PHE B 202 8.10 20.95 3.85
CA PHE B 202 8.62 20.15 4.95
C PHE B 202 7.47 20.16 5.99
N ALA B 203 6.85 18.99 6.24
CA ALA B 203 5.66 18.80 7.11
C ALA B 203 6.16 17.94 8.25
N TYR B 204 5.96 18.44 9.47
CA TYR B 204 6.51 17.82 10.71
C TYR B 204 5.30 17.47 11.51
N LEU B 205 5.14 16.18 11.82
CA LEU B 205 3.93 15.66 12.41
C LEU B 205 4.29 14.87 13.62
N PRO B 206 4.62 15.60 14.73
CA PRO B 206 5.02 14.94 15.96
C PRO B 206 3.78 14.69 16.81
N PHE B 207 3.25 13.51 16.80
CA PHE B 207 2.10 13.30 17.70
C PHE B 207 2.50 13.35 19.19
N SER B 208 1.49 13.51 20.03
CA SER B 208 1.68 13.34 21.47
C SER B 208 1.22 11.91 21.85
N ALA B 209 0.45 11.24 21.02
CA ALA B 209 0.20 9.78 21.18
C ALA B 209 1.39 8.90 20.82
N PRO B 210 1.54 7.72 21.47
CA PRO B 210 0.70 7.21 22.57
C PRO B 210 1.28 7.49 23.99
N HIS B 211 1.66 8.76 24.25
CA HIS B 211 2.24 9.15 25.55
C HIS B 211 1.11 9.24 26.59
N TRP B 212 1.46 8.96 27.84
CA TRP B 212 0.49 9.11 28.92
C TRP B 212 0.06 10.58 29.01
N PRO B 213 -1.15 10.86 29.58
CA PRO B 213 -2.09 9.92 30.03
C PRO B 213 -2.78 9.14 28.84
N LEU B 214 -3.06 7.87 29.04
CA LEU B 214 -3.52 6.99 27.97
C LEU B 214 -5.02 7.22 27.78
N GLN B 215 -5.32 7.81 26.65
CA GLN B 215 -6.66 8.38 26.38
C GLN B 215 -6.88 8.32 24.90
N ALA B 216 -8.09 7.92 24.53
CA ALA B 216 -8.51 7.65 23.16
C ALA B 216 -10.03 7.59 23.05
N PRO B 217 -10.54 7.77 21.82
CA PRO B 217 -11.97 7.70 21.62
C PRO B 217 -12.53 6.32 21.97
N ARG B 218 -13.62 6.31 22.72
CA ARG B 218 -14.22 5.05 23.19
C ARG B 218 -14.57 4.06 22.07
N GLU B 219 -15.01 4.58 20.94
CA GLU B 219 -15.34 3.69 19.80
C GLU B 219 -14.11 2.95 19.25
N ILE B 220 -12.93 3.48 19.47
CA ILE B 220 -11.73 2.74 19.09
C ILE B 220 -11.32 1.84 20.26
N VAL B 221 -11.38 2.32 21.48
CA VAL B 221 -11.00 1.49 22.62
C VAL B 221 -11.84 0.19 22.61
N GLU B 222 -13.13 0.37 22.33
CA GLU B 222 -14.07 -0.77 22.24
C GLU B 222 -13.62 -1.88 21.28
N LYS B 223 -12.89 -1.56 20.21
CA LYS B 223 -12.46 -2.59 19.27
C LYS B 223 -11.43 -3.57 19.85
N TYR B 224 -10.72 -3.18 20.92
CA TYR B 224 -9.70 -4.00 21.55
C TYR B 224 -10.20 -4.67 22.84
N ARG B 225 -11.52 -4.58 23.10
CA ARG B 225 -12.08 -5.20 24.29
C ARG B 225 -11.66 -6.68 24.35
N GLY B 226 -10.98 -7.05 25.41
CA GLY B 226 -10.57 -8.43 25.69
C GLY B 226 -9.29 -8.86 25.05
N ARG B 227 -8.75 -8.04 24.17
CA ARG B 227 -7.51 -8.41 23.43
C ARG B 227 -6.31 -8.65 24.27
N TYR B 228 -6.21 -7.99 25.41
CA TYR B 228 -5.05 -8.02 26.23
C TYR B 228 -5.31 -8.77 27.56
N ASP B 229 -6.42 -9.50 27.63
CA ASP B 229 -6.75 -10.25 28.86
C ASP B 229 -5.66 -11.21 29.28
N ALA B 230 -4.83 -11.67 28.36
CA ALA B 230 -3.78 -12.67 28.73
C ALA B 230 -2.55 -12.03 29.31
N GLY B 231 -2.48 -10.69 29.24
CA GLY B 231 -1.46 -9.96 29.95
C GLY B 231 -0.20 -9.70 29.14
N PRO B 232 0.77 -8.99 29.74
CA PRO B 232 1.92 -8.39 29.06
C PRO B 232 2.98 -9.43 28.72
N GLU B 233 3.04 -10.58 29.47
CA GLU B 233 4.05 -11.57 29.16
C GLU B 233 3.56 -12.41 27.97
N ALA B 234 2.31 -12.89 28.01
CA ALA B 234 1.66 -13.50 26.87
C ALA B 234 1.86 -12.56 25.67
N LEU B 235 1.55 -11.28 25.82
CA LEU B 235 1.85 -10.37 24.70
C LEU B 235 3.30 -10.40 24.22
N ARG B 236 4.26 -10.24 25.14
CA ARG B 236 5.68 -10.26 24.81
C ARG B 236 6.00 -11.51 23.97
N GLN B 237 5.43 -12.62 24.36
CA GLN B 237 5.70 -13.87 23.57
C GLN B 237 5.10 -13.79 22.15
N GLU B 238 3.89 -13.27 22.03
CA GLU B 238 3.29 -13.10 20.72
C GLU B 238 4.15 -12.19 19.85
N ARG B 239 4.65 -11.11 20.45
CA ARG B 239 5.47 -10.12 19.74
C ARG B 239 6.81 -10.74 19.30
N LEU B 240 7.45 -11.47 20.19
CA LEU B 240 8.69 -12.12 19.82
C LEU B 240 8.49 -13.10 18.65
N ALA B 241 7.45 -13.91 18.73
CA ALA B 241 7.17 -14.87 17.69
C ALA B 241 7.02 -14.21 16.33
N ARG B 242 6.25 -13.11 16.33
CA ARG B 242 5.98 -12.41 15.12
C ARG B 242 7.20 -11.65 14.57
N LEU B 243 8.02 -11.07 15.45
CA LEU B 243 9.25 -10.37 15.06
C LEU B 243 10.16 -11.34 14.36
N LYS B 244 10.20 -12.58 14.89
CA LYS B 244 11.02 -13.61 14.25
C LYS B 244 10.44 -14.07 12.95
N GLU B 245 9.12 -14.28 12.94
CA GLU B 245 8.42 -14.71 11.74
C GLU B 245 8.64 -13.69 10.59
N LEU B 246 8.66 -12.41 10.92
CA LEU B 246 8.77 -11.34 9.91
C LEU B 246 10.18 -11.04 9.51
N GLY B 247 11.16 -11.68 10.15
CA GLY B 247 12.58 -11.39 9.91
C GLY B 247 13.08 -10.09 10.55
N LEU B 248 12.34 -9.53 11.49
CA LEU B 248 12.79 -8.29 12.14
C LEU B 248 13.91 -8.55 13.17
N VAL B 249 13.88 -9.77 13.74
CA VAL B 249 14.93 -10.18 14.61
C VAL B 249 15.28 -11.60 14.16
N GLU B 250 16.50 -12.00 14.45
CA GLU B 250 16.98 -13.33 14.13
C GLU B 250 16.28 -14.42 14.96
N ALA B 251 16.04 -15.55 14.31
CA ALA B 251 15.23 -16.64 14.84
C ALA B 251 15.72 -17.08 16.24
N ASP B 252 17.02 -16.99 16.42
CA ASP B 252 17.73 -17.49 17.59
C ASP B 252 17.91 -16.47 18.73
N VAL B 253 17.41 -15.25 18.58
N VAL B 253 17.36 -15.26 18.59
CA VAL B 253 17.78 -14.20 19.52
CA VAL B 253 17.66 -14.21 19.56
C VAL B 253 17.26 -14.51 20.91
C VAL B 253 17.27 -14.61 20.95
N GLU B 254 18.11 -14.21 21.91
CA GLU B 254 17.84 -14.42 23.30
C GLU B 254 17.33 -13.11 23.83
N ALA B 255 16.07 -13.08 24.24
CA ALA B 255 15.43 -11.84 24.74
C ALA B 255 15.92 -11.50 26.13
N HIS B 256 16.15 -10.25 26.39
CA HIS B 256 16.45 -9.86 27.77
C HIS B 256 15.27 -10.21 28.71
N PRO B 257 15.58 -10.71 29.89
CA PRO B 257 14.55 -10.95 30.97
C PRO B 257 13.85 -9.69 31.38
N VAL B 258 12.59 -9.84 31.75
CA VAL B 258 11.71 -8.75 32.02
C VAL B 258 12.03 -8.40 33.45
N LEU B 259 12.35 -7.11 33.70
CA LEU B 259 12.58 -6.58 35.02
C LEU B 259 11.54 -5.55 35.40
N ALA B 260 10.90 -5.78 36.55
CA ALA B 260 9.82 -4.91 37.05
C ALA B 260 9.68 -5.14 38.53
N LEU B 261 9.37 -4.07 39.24
CA LEU B 261 9.16 -4.14 40.67
C LEU B 261 7.68 -4.33 40.99
N THR B 262 6.85 -4.26 39.98
CA THR B 262 5.44 -4.56 40.08
C THR B 262 5.13 -6.09 40.13
N ARG B 263 3.89 -6.42 40.52
CA ARG B 263 3.44 -7.77 40.51
C ARG B 263 3.17 -8.20 39.08
N GLU B 264 3.61 -9.42 38.83
CA GLU B 264 3.38 -10.10 37.57
C GLU B 264 1.91 -10.35 37.40
N TRP B 265 1.47 -10.54 36.15
CA TRP B 265 0.02 -10.64 35.81
C TRP B 265 -0.73 -11.66 36.69
N GLU B 266 -0.17 -12.86 36.80
CA GLU B 266 -0.85 -13.96 37.51
C GLU B 266 -0.99 -13.69 39.00
N ALA B 267 -0.20 -12.76 39.53
CA ALA B 267 -0.25 -12.36 40.97
C ALA B 267 -1.29 -11.29 41.26
N LEU B 268 -1.94 -10.78 40.21
CA LEU B 268 -2.89 -9.71 40.35
C LEU B 268 -4.29 -10.22 40.61
N GLU B 269 -5.01 -9.45 41.43
CA GLU B 269 -6.44 -9.69 41.67
C GLU B 269 -7.15 -9.29 40.40
N ASP B 270 -8.29 -9.89 40.18
CA ASP B 270 -9.08 -9.75 38.99
C ASP B 270 -9.36 -8.27 38.61
N GLU B 271 -9.68 -7.44 39.61
CA GLU B 271 -10.01 -6.01 39.35
C GLU B 271 -8.79 -5.24 38.82
N GLU B 272 -7.63 -5.51 39.43
CA GLU B 272 -6.35 -4.94 39.03
C GLU B 272 -5.96 -5.34 37.59
N ARG B 273 -6.03 -6.62 37.31
CA ARG B 273 -5.86 -7.07 35.95
C ARG B 273 -6.78 -6.38 34.94
N ALA B 274 -8.07 -6.26 35.29
CA ALA B 274 -9.02 -5.73 34.38
C ALA B 274 -8.62 -4.29 34.02
N LYS B 275 -8.17 -3.51 35.00
CA LYS B 275 -7.79 -2.11 34.77
C LYS B 275 -6.47 -1.97 34.03
N SER B 276 -5.53 -2.90 34.25
CA SER B 276 -4.28 -2.91 33.50
C SER B 276 -4.51 -3.31 32.05
N ALA B 277 -5.33 -4.34 31.79
CA ALA B 277 -5.70 -4.65 30.42
C ALA B 277 -6.40 -3.54 29.74
N ARG B 278 -7.39 -2.93 30.44
CA ARG B 278 -8.05 -1.75 29.85
C ARG B 278 -7.04 -0.66 29.44
N ALA B 279 -6.01 -0.39 30.25
CA ALA B 279 -5.01 0.61 29.87
C ALA B 279 -4.31 0.22 28.54
N MET B 280 -4.01 -1.07 28.37
CA MET B 280 -3.38 -1.50 27.16
C MET B 280 -4.36 -1.43 25.97
N GLU B 281 -5.64 -1.71 26.21
CA GLU B 281 -6.64 -1.54 25.17
C GLU B 281 -6.68 -0.09 24.69
N VAL B 282 -6.63 0.84 25.66
CA VAL B 282 -6.59 2.29 25.38
C VAL B 282 -5.32 2.69 24.62
N TYR B 283 -4.18 2.24 25.07
CA TYR B 283 -2.94 2.43 24.33
C TYR B 283 -3.12 1.99 22.87
N ALA B 284 -3.65 0.78 22.66
CA ALA B 284 -3.81 0.30 21.32
C ALA B 284 -4.68 1.22 20.49
N ALA B 285 -5.80 1.69 21.08
CA ALA B 285 -6.66 2.64 20.39
C ALA B 285 -5.94 3.93 20.05
N MET B 286 -5.04 4.42 20.94
CA MET B 286 -4.27 5.58 20.67
C MET B 286 -3.43 5.43 19.41
N VAL B 287 -2.77 4.28 19.34
CA VAL B 287 -1.90 4.00 18.24
C VAL B 287 -2.74 3.88 16.98
N GLU B 288 -3.86 3.17 17.06
CA GLU B 288 -4.70 2.99 15.83
C GLU B 288 -5.24 4.34 15.33
N ARG B 289 -5.61 5.19 16.27
CA ARG B 289 -6.22 6.53 15.91
C ARG B 289 -5.12 7.47 15.38
N MET B 290 -3.92 7.26 15.87
CA MET B 290 -2.73 7.97 15.32
C MET B 290 -2.55 7.60 13.86
N ASP B 291 -2.51 6.30 13.63
CA ASP B 291 -2.47 5.74 12.32
C ASP B 291 -3.56 6.27 11.40
N TRP B 292 -4.76 6.42 11.94
CA TRP B 292 -5.86 6.89 11.15
C TRP B 292 -5.62 8.34 10.68
N ASN B 293 -5.05 9.16 11.57
CA ASN B 293 -4.73 10.53 11.24
C ASN B 293 -3.59 10.64 10.25
N ILE B 294 -2.62 9.77 10.41
CA ILE B 294 -1.56 9.62 9.40
C ILE B 294 -2.15 9.30 8.02
N GLY B 295 -3.04 8.31 7.98
CA GLY B 295 -3.81 7.97 6.75
C GLY B 295 -4.49 9.16 6.11
N ARG B 296 -5.13 10.00 6.90
CA ARG B 296 -5.77 11.21 6.36
C ARG B 296 -4.78 12.13 5.61
N VAL B 297 -3.62 12.36 6.22
CA VAL B 297 -2.56 13.10 5.63
C VAL B 297 -2.03 12.48 4.37
N VAL B 298 -1.73 11.19 4.45
CA VAL B 298 -1.08 10.49 3.36
C VAL B 298 -2.02 10.36 2.17
N ASP B 299 -3.28 10.11 2.47
N ASP B 299 -3.30 10.06 2.43
CA ASP B 299 -4.29 9.91 1.46
CA ASP B 299 -4.34 9.92 1.38
C ASP B 299 -4.52 11.23 0.71
C ASP B 299 -4.50 11.26 0.65
N TYR B 300 -4.40 12.34 1.42
CA TYR B 300 -4.57 13.66 0.79
C TYR B 300 -3.39 13.90 -0.18
N LEU B 301 -2.18 13.70 0.31
CA LEU B 301 -0.98 13.78 -0.52
C LEU B 301 -1.03 12.87 -1.76
N ARG B 302 -1.44 11.63 -1.54
CA ARG B 302 -1.59 10.60 -2.62
C ARG B 302 -2.58 11.08 -3.70
N ARG B 303 -3.76 11.55 -3.29
CA ARG B 303 -4.75 12.08 -4.21
C ARG B 303 -4.28 13.33 -4.99
N GLN B 304 -3.41 14.10 -4.36
CA GLN B 304 -2.75 15.23 -4.99
C GLN B 304 -1.65 14.83 -5.92
N GLY B 305 -1.25 13.56 -5.97
CA GLY B 305 -0.16 13.14 -6.81
C GLY B 305 1.21 13.57 -6.25
N GLU B 306 1.32 13.80 -4.95
CA GLU B 306 2.52 14.30 -4.34
C GLU B 306 3.18 13.20 -3.52
N LEU B 307 2.51 12.10 -3.21
CA LEU B 307 3.09 11.21 -2.22
C LEU B 307 4.43 10.61 -2.70
N ASP B 308 4.50 10.15 -3.95
CA ASP B 308 5.70 9.52 -4.47
C ASP B 308 6.82 10.51 -4.56
N ASN B 309 6.52 11.81 -4.58
CA ASN B 309 7.55 12.83 -4.49
C ASN B 309 7.73 13.41 -3.08
N THR B 310 7.28 12.63 -2.09
CA THR B 310 7.45 12.96 -0.66
C THR B 310 8.29 11.86 0.04
N PHE B 311 9.41 12.30 0.61
CA PHE B 311 10.24 11.44 1.43
C PHE B 311 9.50 11.39 2.77
N VAL B 312 8.96 10.21 3.08
CA VAL B 312 8.21 9.97 4.28
C VAL B 312 9.06 9.21 5.29
N LEU B 313 9.27 9.84 6.46
CA LEU B 313 9.96 9.21 7.55
C LEU B 313 9.02 9.06 8.75
N PHE B 314 8.89 7.85 9.30
CA PHE B 314 8.13 7.64 10.52
C PHE B 314 9.11 7.02 11.54
N MET B 315 9.06 7.57 12.73
CA MET B 315 9.88 7.05 13.86
C MET B 315 9.13 7.29 15.21
N SER B 316 9.44 6.47 16.18
CA SER B 316 9.19 6.81 17.53
C SER B 316 10.38 7.64 18.09
N ASP B 317 10.19 8.35 19.20
CA ASP B 317 11.18 9.28 19.70
C ASP B 317 12.08 8.71 20.78
N ASN B 318 11.71 7.54 21.30
CA ASN B 318 12.44 6.83 22.33
C ASN B 318 11.78 5.45 22.51
N GLY B 319 12.29 4.64 23.44
CA GLY B 319 11.73 3.31 23.70
C GLY B 319 10.30 3.45 24.28
N ALA B 320 9.58 2.34 24.27
CA ALA B 320 8.30 2.26 24.99
C ALA B 320 8.40 2.74 26.45
N GLU B 321 7.32 3.34 26.91
CA GLU B 321 7.35 3.97 28.29
C GLU B 321 7.04 2.92 29.42
N GLY B 322 8.06 2.46 30.14
CA GLY B 322 7.84 1.56 31.26
C GLY B 322 7.72 2.24 32.61
N ALA B 323 7.74 3.61 32.63
CA ALA B 323 7.83 4.34 33.91
C ALA B 323 6.62 4.05 34.81
N LEU B 324 6.85 4.11 36.11
CA LEU B 324 5.79 4.26 37.10
C LEU B 324 5.87 5.67 37.62
N LEU B 325 4.91 6.50 37.22
CA LEU B 325 4.97 7.88 37.56
C LEU B 325 4.93 8.08 39.07
N GLU B 326 4.28 7.15 39.76
CA GLU B 326 4.20 7.18 41.19
C GLU B 326 5.52 6.83 41.90
N ALA B 327 6.48 6.24 41.20
CA ALA B 327 7.78 5.88 41.74
C ALA B 327 8.83 6.99 41.55
N PHE B 328 8.49 8.12 40.92
CA PHE B 328 9.51 9.11 40.55
C PHE B 328 10.30 9.73 41.72
N PRO B 329 9.74 9.77 42.94
CA PRO B 329 10.04 10.77 43.99
C PRO B 329 11.04 11.83 43.55
N LYS B 330 10.59 13.06 43.30
CA LYS B 330 9.18 13.44 43.23
C LYS B 330 9.20 14.87 42.69
N PHE B 331 9.67 15.90 43.42
CA PHE B 331 9.48 16.13 44.88
C PHE B 331 8.02 16.67 45.00
N GLY B 332 7.65 17.44 46.03
CA GLY B 332 6.27 18.02 46.10
C GLY B 332 5.07 17.08 46.35
N PRO B 333 3.84 17.56 46.08
CA PRO B 333 2.67 16.76 46.41
C PRO B 333 2.66 15.36 45.75
N ASP B 334 2.15 14.36 46.45
CA ASP B 334 2.08 13.06 45.88
C ASP B 334 0.95 12.87 44.84
N LEU B 335 1.40 12.24 43.79
CA LEU B 335 0.61 12.08 42.60
C LEU B 335 -0.62 11.22 42.77
N LEU B 336 -0.48 10.00 43.33
CA LEU B 336 -1.65 9.09 43.36
C LEU B 336 -2.80 9.63 44.18
N ASP B 337 -2.50 10.31 45.29
CA ASP B 337 -3.55 10.88 46.13
C ASP B 337 -4.30 11.95 45.35
N PHE B 338 -3.55 12.79 44.67
CA PHE B 338 -4.17 13.86 43.90
C PHE B 338 -5.05 13.27 42.79
N LEU B 339 -4.56 12.22 42.12
CA LEU B 339 -5.31 11.56 41.06
C LEU B 339 -6.56 10.96 41.59
N ASP B 340 -6.46 10.37 42.79
CA ASP B 340 -7.62 9.74 43.43
C ASP B 340 -8.73 10.80 43.74
N ARG B 341 -8.35 12.03 43.98
CA ARG B 341 -9.30 13.08 44.35
C ARG B 341 -9.77 13.91 43.15
N HIS B 342 -9.10 13.79 41.99
CA HIS B 342 -9.43 14.61 40.83
C HIS B 342 -9.78 13.93 39.51
N TYR B 343 -9.47 12.65 39.42
CA TYR B 343 -9.70 11.85 38.25
C TYR B 343 -10.49 10.60 38.62
N ASP B 344 -11.00 9.91 37.61
CA ASP B 344 -11.69 8.66 37.83
C ASP B 344 -11.04 7.58 37.03
N ASN B 345 -10.29 6.70 37.69
CA ASN B 345 -9.57 5.62 36.99
C ASN B 345 -10.22 4.30 37.21
N SER B 346 -11.51 4.33 37.47
CA SER B 346 -12.24 3.12 37.62
C SER B 346 -12.26 2.52 36.22
N LEU B 347 -12.42 1.21 36.16
CA LEU B 347 -12.40 0.47 34.88
C LEU B 347 -13.16 1.10 33.71
N GLU B 348 -14.41 1.45 33.96
CA GLU B 348 -15.25 1.96 32.89
C GLU B 348 -14.82 3.33 32.35
N ASN B 349 -14.08 4.12 33.15
CA ASN B 349 -13.63 5.48 32.76
C ASN B 349 -12.23 5.57 32.15
N ILE B 350 -11.41 4.56 32.34
CA ILE B 350 -10.04 4.59 31.84
C ILE B 350 -10.06 4.83 30.36
N GLY B 351 -9.29 5.82 29.93
CA GLY B 351 -9.21 6.19 28.54
C GLY B 351 -9.92 7.52 28.27
N SER B 352 -10.84 7.96 29.14
CA SER B 352 -11.56 9.19 28.90
C SER B 352 -10.75 10.41 29.46
N ALA B 353 -11.25 11.61 29.18
CA ALA B 353 -10.56 12.82 29.48
C ALA B 353 -10.23 12.97 30.98
N ASN B 354 -11.10 12.47 31.85
CA ASN B 354 -10.89 12.67 33.29
C ASN B 354 -10.42 11.33 33.91
N SER B 355 -9.70 10.50 33.10
CA SER B 355 -8.82 9.44 33.63
C SER B 355 -7.36 9.90 33.46
N TYR B 356 -6.46 9.28 34.19
CA TYR B 356 -5.05 9.55 34.04
C TYR B 356 -4.29 8.28 34.39
N VAL B 357 -3.92 7.51 33.37
CA VAL B 357 -3.17 6.24 33.56
C VAL B 357 -1.95 6.13 32.65
N TRP B 358 -1.05 5.23 33.06
CA TRP B 358 0.14 4.88 32.31
C TRP B 358 0.25 3.38 32.42
N TYR B 359 0.86 2.70 31.45
CA TYR B 359 0.67 1.22 31.45
C TYR B 359 1.75 0.42 32.11
N GLY B 360 2.84 1.09 32.44
CA GLY B 360 3.84 0.53 33.30
C GLY B 360 4.86 -0.40 32.63
N PRO B 361 5.73 -1.03 33.43
CA PRO B 361 7.03 -1.59 32.90
C PRO B 361 6.85 -2.91 32.19
N ARG B 362 5.85 -3.66 32.65
CA ARG B 362 5.58 -4.95 31.98
C ARG B 362 4.96 -4.86 30.58
N TRP B 363 3.92 -4.05 30.39
CA TRP B 363 3.42 -3.79 29.06
C TRP B 363 4.48 -3.15 28.19
N ALA B 364 5.31 -2.29 28.76
CA ALA B 364 6.34 -1.57 28.00
C ALA B 364 7.40 -2.52 27.47
N GLN B 365 7.87 -3.44 28.33
CA GLN B 365 8.82 -4.45 27.89
C GLN B 365 8.26 -5.47 26.91
N ALA B 366 6.97 -5.65 26.82
CA ALA B 366 6.44 -6.49 25.75
C ALA B 366 6.81 -5.92 24.41
N ALA B 367 6.78 -4.58 24.34
CA ALA B 367 7.01 -3.87 23.04
C ALA B 367 8.41 -3.62 22.67
N THR B 368 9.32 -3.53 23.69
CA THR B 368 10.77 -3.42 23.45
C THR B 368 11.52 -4.76 23.23
N ALA B 369 10.91 -5.85 23.69
CA ALA B 369 11.54 -7.15 23.51
C ALA B 369 11.96 -7.42 22.02
N PRO B 370 13.18 -7.97 21.81
CA PRO B 370 14.03 -8.67 22.79
C PRO B 370 14.98 -7.77 23.52
N SER B 371 14.83 -6.47 23.33
CA SER B 371 15.73 -5.52 23.97
C SER B 371 15.60 -5.40 25.47
N ARG B 372 16.72 -5.00 26.07
CA ARG B 372 16.81 -4.65 27.48
C ARG B 372 16.16 -3.31 27.89
N LEU B 373 15.21 -3.39 28.79
CA LEU B 373 14.55 -2.22 29.39
C LEU B 373 13.76 -1.39 28.38
N TYR B 374 13.78 -0.09 28.51
CA TYR B 374 12.74 0.76 27.95
C TYR B 374 13.16 2.22 28.05
N LYS B 375 12.23 3.12 27.74
CA LYS B 375 12.47 4.58 27.77
C LYS B 375 13.28 5.01 29.00
N ALA B 376 14.21 5.95 28.75
CA ALA B 376 15.01 6.61 29.79
C ALA B 376 16.18 5.75 30.29
N PHE B 377 16.36 4.58 29.71
CA PHE B 377 17.61 3.84 29.78
C PHE B 377 18.42 3.95 28.47
N THR B 378 19.75 3.86 28.64
CA THR B 378 20.66 3.86 27.52
C THR B 378 20.87 2.46 26.93
N THR B 379 20.22 1.44 27.48
CA THR B 379 20.27 0.10 26.88
C THR B 379 19.42 0.18 25.58
N GLN B 380 19.46 -0.84 24.74
CA GLN B 380 18.75 -0.82 23.50
C GLN B 380 17.22 -0.62 23.67
N GLY B 381 16.62 -1.12 24.77
CA GLY B 381 15.21 -0.86 25.00
C GLY B 381 14.81 0.61 25.00
N GLY B 382 15.70 1.45 25.51
CA GLY B 382 15.44 2.85 25.52
C GLY B 382 15.71 3.61 24.30
N ILE B 383 16.62 3.13 23.52
CA ILE B 383 17.14 3.95 22.35
C ILE B 383 16.90 3.38 20.94
N ARG B 384 16.71 2.09 20.88
CA ARG B 384 16.41 1.44 19.58
C ARG B 384 14.91 1.62 19.29
N VAL B 385 14.54 2.33 18.23
CA VAL B 385 13.10 2.59 17.98
C VAL B 385 12.73 2.14 16.55
N PRO B 386 11.44 1.90 16.31
CA PRO B 386 10.99 1.56 14.97
C PRO B 386 11.04 2.79 14.06
N ALA B 387 11.42 2.55 12.82
CA ALA B 387 11.63 3.62 11.83
C ALA B 387 11.40 3.05 10.47
N LEU B 388 10.79 3.86 9.63
CA LEU B 388 10.68 3.51 8.21
C LEU B 388 10.87 4.74 7.33
N VAL B 389 11.38 4.48 6.15
CA VAL B 389 11.52 5.49 5.10
C VAL B 389 10.75 5.00 3.85
N ARG B 390 9.78 5.80 3.42
CA ARG B 390 9.05 5.51 2.21
C ARG B 390 9.36 6.65 1.24
N TYR B 391 10.13 6.32 0.22
CA TYR B 391 10.47 7.27 -0.87
C TYR B 391 10.88 6.47 -2.08
N PRO B 392 10.01 6.42 -3.10
CA PRO B 392 10.27 5.53 -4.20
C PRO B 392 11.35 5.95 -5.19
N ARG B 393 12.02 7.08 -4.98
CA ARG B 393 13.13 7.47 -5.87
C ARG B 393 14.34 6.77 -5.41
N LEU B 394 14.34 6.37 -4.16
CA LEU B 394 15.44 5.63 -3.63
C LEU B 394 15.32 4.14 -3.94
N SER B 395 16.43 3.60 -4.43
CA SER B 395 16.50 2.26 -4.85
C SER B 395 16.28 1.32 -3.66
N ARG B 396 16.66 1.67 -2.43
CA ARG B 396 16.56 0.70 -1.35
C ARG B 396 15.18 0.78 -0.63
N GLN B 397 14.20 0.07 -1.19
CA GLN B 397 12.81 0.05 -0.70
C GLN B 397 12.29 -1.38 -0.71
N GLY B 398 11.27 -1.68 0.11
CA GLY B 398 10.71 -3.04 0.14
C GLY B 398 11.40 -4.04 1.02
N ALA B 399 12.44 -3.59 1.74
CA ALA B 399 13.26 -4.48 2.50
C ALA B 399 13.22 -4.14 4.01
N ILE B 400 13.72 -5.07 4.79
CA ILE B 400 14.09 -4.82 6.18
C ILE B 400 15.60 -4.62 6.31
N SER B 401 16.02 -3.47 6.86
CA SER B 401 17.45 -3.21 7.00
C SER B 401 17.91 -3.14 8.46
N HIS B 402 19.02 -3.83 8.72
CA HIS B 402 19.59 -3.89 10.03
C HIS B 402 20.85 -2.97 10.05
N ALA B 403 20.98 -2.04 9.11
CA ALA B 403 22.12 -1.15 9.07
C ALA B 403 21.99 -0.07 10.21
N PHE B 404 23.08 0.19 10.92
CA PHE B 404 23.10 1.18 11.98
C PHE B 404 22.80 2.59 11.45
N ALA B 405 21.93 3.30 12.17
CA ALA B 405 21.51 4.63 11.83
C ALA B 405 21.04 5.31 13.10
N THR B 406 21.11 6.64 13.10
CA THR B 406 20.52 7.39 14.19
C THR B 406 19.71 8.56 13.74
N VAL B 407 18.91 9.06 14.66
CA VAL B 407 18.17 10.29 14.46
C VAL B 407 19.05 11.50 14.00
N MET B 408 20.31 11.57 14.41
CA MET B 408 21.20 12.65 13.91
C MET B 408 21.47 12.64 12.37
N ASP B 409 21.20 11.51 11.71
CA ASP B 409 21.40 11.33 10.28
C ASP B 409 20.27 12.01 9.44
N VAL B 410 19.12 12.32 10.05
CA VAL B 410 17.99 12.77 9.37
C VAL B 410 18.20 14.16 8.76
N THR B 411 18.69 15.13 9.54
CA THR B 411 18.95 16.48 9.03
C THR B 411 19.90 16.50 7.76
N PRO B 412 21.08 15.83 7.81
CA PRO B 412 22.00 15.88 6.68
C PRO B 412 21.36 15.19 5.48
N THR B 413 20.56 14.12 5.72
CA THR B 413 19.86 13.43 4.61
C THR B 413 18.87 14.34 3.92
N LEU B 414 18.06 15.02 4.71
CA LEU B 414 17.04 15.89 4.14
C LEU B 414 17.63 17.09 3.44
N LEU B 415 18.67 17.72 4.03
CA LEU B 415 19.45 18.79 3.34
C LEU B 415 19.96 18.30 1.99
N ASP B 416 20.57 17.13 1.95
CA ASP B 416 21.07 16.54 0.70
C ASP B 416 19.99 16.43 -0.34
N LEU B 417 18.88 15.83 0.03
CA LEU B 417 17.80 15.66 -0.91
C LEU B 417 17.17 17.01 -1.36
N ALA B 418 17.20 18.05 -0.51
CA ALA B 418 16.69 19.36 -0.82
C ALA B 418 17.64 20.17 -1.72
N GLY B 419 18.84 19.65 -1.89
CA GLY B 419 19.91 20.33 -2.60
C GLY B 419 20.46 21.50 -1.81
N VAL B 420 20.49 21.38 -0.48
CA VAL B 420 20.81 22.53 0.42
C VAL B 420 22.06 22.15 1.18
N ARG B 421 23.05 23.03 1.21
CA ARG B 421 24.26 22.75 2.00
C ARG B 421 24.10 23.23 3.44
N HIS B 422 24.57 22.45 4.39
CA HIS B 422 24.66 22.95 5.75
C HIS B 422 25.59 24.17 5.73
N PRO B 423 25.23 25.26 6.43
CA PRO B 423 26.06 26.46 6.32
C PRO B 423 27.43 26.39 6.92
N GLY B 424 27.81 25.29 7.55
CA GLY B 424 29.05 25.23 8.32
C GLY B 424 28.98 25.69 9.76
N LYS B 425 29.95 26.52 10.16
CA LYS B 425 30.13 26.93 11.56
C LYS B 425 29.56 28.26 11.90
N ARG B 426 28.95 28.95 10.94
CA ARG B 426 28.34 30.25 11.23
C ARG B 426 26.99 30.37 10.54
N TRP B 427 26.01 30.94 11.21
CA TRP B 427 24.71 31.18 10.62
C TRP B 427 23.99 32.34 11.31
N ARG B 428 23.33 33.21 10.52
CA ARG B 428 22.72 34.46 11.01
C ARG B 428 23.68 35.14 11.99
N GLY B 429 24.94 35.12 11.63
CA GLY B 429 25.94 35.81 12.44
C GLY B 429 26.25 35.23 13.82
N ARG B 430 26.03 33.93 14.02
CA ARG B 430 26.48 33.30 15.23
C ARG B 430 27.22 32.02 14.93
N GLU B 431 28.07 31.62 15.87
CA GLU B 431 28.76 30.38 15.73
C GLU B 431 27.77 29.22 16.01
N ILE B 432 27.74 28.24 15.13
CA ILE B 432 26.85 27.08 15.29
C ILE B 432 27.60 25.77 15.16
N ALA B 433 26.98 24.71 15.68
CA ALA B 433 27.51 23.37 15.59
C ALA B 433 27.26 22.82 14.20
N GLU B 434 28.10 21.90 13.76
CA GLU B 434 27.88 21.18 12.52
C GLU B 434 27.37 19.80 12.86
N PRO B 435 26.61 19.19 11.95
CA PRO B 435 26.07 17.87 12.26
C PRO B 435 27.08 16.79 12.62
N ARG B 436 26.68 15.89 13.52
CA ARG B 436 27.42 14.70 13.84
C ARG B 436 26.93 13.50 13.12
N GLY B 437 25.70 13.51 12.64
CA GLY B 437 25.24 12.47 11.77
C GLY B 437 25.80 12.49 10.35
N ARG B 438 25.35 11.51 9.59
CA ARG B 438 25.84 11.32 8.22
C ARG B 438 24.64 11.08 7.30
N SER B 439 24.66 11.69 6.13
CA SER B 439 23.54 11.59 5.17
C SER B 439 23.28 10.16 4.75
N TRP B 440 22.04 9.79 4.72
CA TRP B 440 21.65 8.42 4.28
C TRP B 440 21.57 8.23 2.77
N LEU B 441 21.90 9.27 2.00
CA LEU B 441 21.60 9.26 0.56
C LEU B 441 22.34 8.14 -0.13
N GLY B 442 23.61 8.00 0.20
CA GLY B 442 24.43 6.96 -0.46
C GLY B 442 23.86 5.59 -0.20
N TRP B 443 23.60 5.32 1.05
CA TRP B 443 23.03 4.04 1.44
C TRP B 443 21.71 3.77 0.76
N LEU B 444 20.77 4.71 0.86
CA LEU B 444 19.44 4.47 0.40
C LEU B 444 19.37 4.47 -1.13
N SER B 445 20.36 5.09 -1.78
CA SER B 445 20.48 5.03 -3.22
C SER B 445 21.18 3.69 -3.71
N GLY B 446 21.56 2.84 -2.76
CA GLY B 446 22.19 1.60 -3.06
C GLY B 446 23.67 1.69 -3.39
N GLU B 447 24.28 2.86 -3.29
CA GLU B 447 25.71 3.04 -3.50
C GLU B 447 26.54 2.39 -2.38
N THR B 448 26.06 2.44 -1.12
CA THR B 448 26.72 1.79 -0.04
C THR B 448 25.74 0.89 0.73
N GLU B 449 26.30 -0.03 1.48
CA GLU B 449 25.51 -0.95 2.29
C GLU B 449 24.92 -0.29 3.58
N ALA B 450 25.46 0.87 3.99
CA ALA B 450 25.08 1.54 5.23
C ALA B 450 25.65 2.89 5.19
N ALA B 451 25.13 3.77 6.04
CA ALA B 451 25.67 5.13 6.12
C ALA B 451 26.85 5.21 7.05
N HIS B 452 27.05 4.16 7.82
CA HIS B 452 28.06 4.15 8.88
C HIS B 452 28.85 2.85 8.71
N ASP B 453 29.84 2.64 9.55
CA ASP B 453 30.64 1.41 9.41
C ASP B 453 31.16 0.91 10.72
N GLU B 454 32.06 -0.08 10.70
CA GLU B 454 32.57 -0.68 11.93
C GLU B 454 33.37 0.26 12.85
N ASN B 455 33.84 1.40 12.34
CA ASN B 455 34.51 2.38 13.18
C ASN B 455 33.70 3.57 13.59
N THR B 456 32.45 3.64 13.18
CA THR B 456 31.60 4.72 13.64
C THR B 456 31.44 4.75 15.13
N VAL B 457 31.53 5.93 15.72
CA VAL B 457 31.40 6.07 17.16
C VAL B 457 30.23 6.95 17.55
N THR B 458 29.42 6.46 18.46
CA THR B 458 28.21 7.19 18.85
C THR B 458 28.07 7.05 20.38
N GLY B 459 27.79 8.18 21.00
CA GLY B 459 27.52 8.31 22.44
C GLY B 459 26.11 8.71 22.87
N TRP B 460 25.75 8.27 24.07
CA TRP B 460 24.51 8.59 24.74
C TRP B 460 24.79 8.79 26.23
N GLY B 461 24.12 9.79 26.78
CA GLY B 461 24.23 10.13 28.19
C GLY B 461 23.04 10.95 28.62
N LEU B 462 22.33 10.43 29.63
CA LEU B 462 21.13 11.06 30.15
C LEU B 462 20.72 10.38 31.47
N PHE B 463 20.34 11.19 32.46
CA PHE B 463 19.92 10.71 33.78
C PHE B 463 21.06 9.91 34.46
N GLY B 464 22.31 10.22 34.16
CA GLY B 464 23.43 9.48 34.76
C GLY B 464 23.77 8.15 34.13
N MET B 465 23.03 7.78 33.08
CA MET B 465 23.30 6.60 32.35
C MET B 465 24.14 6.99 31.14
N ARG B 466 24.91 6.02 30.68
CA ARG B 466 25.82 6.20 29.56
C ARG B 466 25.71 5.05 28.61
N ALA B 467 26.07 5.31 27.36
CA ALA B 467 26.35 4.27 26.36
C ALA B 467 27.34 4.87 25.35
N ILE B 468 28.16 3.98 24.83
CA ILE B 468 29.16 4.31 23.85
C ILE B 468 29.25 3.12 22.94
N ARG B 469 29.12 3.40 21.65
CA ARG B 469 29.12 2.35 20.65
C ARG B 469 30.13 2.60 19.55
N GLN B 470 30.84 1.56 19.19
CA GLN B 470 31.64 1.62 17.99
C GLN B 470 31.38 0.37 17.15
N GLY B 471 30.96 0.59 15.90
CA GLY B 471 30.45 -0.51 15.04
C GLY B 471 29.29 -1.22 15.76
N ASP B 472 29.46 -2.50 16.05
CA ASP B 472 28.51 -3.31 16.82
C ASP B 472 28.94 -3.61 18.27
N TRP B 473 30.01 -2.98 18.73
CA TRP B 473 30.45 -3.04 20.13
C TRP B 473 29.83 -1.90 20.90
N LYS B 474 29.15 -2.26 22.00
CA LYS B 474 28.50 -1.25 22.84
C LYS B 474 28.81 -1.44 24.30
N ALA B 475 29.28 -0.37 24.94
CA ALA B 475 29.38 -0.34 26.38
C ALA B 475 28.26 0.48 27.00
N VAL B 476 27.78 0.02 28.15
CA VAL B 476 26.67 0.61 28.86
C VAL B 476 27.01 0.88 30.33
N TYR B 477 26.47 1.96 30.86
CA TYR B 477 26.64 2.34 32.27
C TYR B 477 25.33 2.76 32.91
N LEU B 478 24.84 1.90 33.79
CA LEU B 478 23.59 2.12 34.48
C LEU B 478 23.90 2.25 35.99
N PRO B 479 23.64 3.41 36.56
CA PRO B 479 23.94 3.62 37.98
C PRO B 479 22.97 2.95 38.91
N ALA B 480 23.35 2.95 40.20
CA ALA B 480 22.47 2.40 41.24
C ALA B 480 21.29 3.30 41.32
N PRO B 481 20.09 2.74 41.62
CA PRO B 481 19.78 1.35 41.91
C PRO B 481 19.38 0.49 40.71
N VAL B 482 19.48 1.02 39.50
CA VAL B 482 19.00 0.31 38.30
C VAL B 482 20.07 -0.46 37.56
N GLY B 483 21.32 -0.30 37.94
CA GLY B 483 22.33 -1.20 37.46
C GLY B 483 23.52 -1.21 38.38
N PRO B 484 24.57 -1.92 37.97
CA PRO B 484 25.75 -2.20 38.78
C PRO B 484 26.70 -1.00 38.93
N ALA B 485 26.36 0.16 38.34
CA ALA B 485 27.23 1.34 38.39
C ALA B 485 28.66 0.98 37.98
N THR B 486 28.77 0.12 36.98
CA THR B 486 30.00 -0.17 36.30
C THR B 486 29.73 -0.35 34.78
N TRP B 487 30.74 -0.11 33.95
CA TRP B 487 30.62 -0.32 32.51
C TRP B 487 30.49 -1.82 32.16
N GLN B 488 29.45 -2.11 31.37
CA GLN B 488 29.21 -3.43 30.87
C GLN B 488 29.40 -3.36 29.39
N LEU B 489 29.88 -4.44 28.78
CA LEU B 489 30.21 -4.49 27.40
C LEU B 489 29.47 -5.60 26.66
N TYR B 490 28.89 -5.24 25.51
CA TYR B 490 28.10 -6.14 24.74
C TYR B 490 28.47 -6.15 23.29
N ASP B 491 28.37 -7.34 22.70
CA ASP B 491 28.53 -7.54 21.29
C ASP B 491 27.13 -7.59 20.73
N LEU B 492 26.66 -6.46 20.21
CA LEU B 492 25.26 -6.33 19.75
C LEU B 492 24.99 -7.22 18.57
N ALA B 493 26.02 -7.62 17.82
CA ALA B 493 25.78 -8.53 16.71
C ALA B 493 25.44 -9.96 17.21
N ARG B 494 25.97 -10.36 18.35
CA ARG B 494 25.68 -11.69 18.88
C ARG B 494 24.63 -11.63 20.00
N ASP B 495 24.45 -10.46 20.62
CA ASP B 495 23.70 -10.34 21.86
C ASP B 495 22.91 -9.00 21.86
N PRO B 496 21.92 -8.92 20.98
CA PRO B 496 21.01 -7.76 20.94
C PRO B 496 20.28 -7.48 22.28
N GLY B 497 20.10 -8.48 23.14
CA GLY B 497 19.41 -8.25 24.40
C GLY B 497 20.33 -7.67 25.47
N GLU B 498 21.61 -7.44 25.15
CA GLU B 498 22.55 -6.89 26.15
C GLU B 498 22.54 -7.73 27.46
N ILE B 499 22.67 -9.04 27.28
CA ILE B 499 22.60 -10.02 28.34
C ILE B 499 23.98 -10.40 28.82
N HIS B 500 24.92 -10.57 27.91
CA HIS B 500 26.22 -11.19 28.25
C HIS B 500 27.31 -10.13 28.29
N ASP B 501 27.60 -9.72 29.52
CA ASP B 501 28.64 -8.74 29.80
C ASP B 501 30.00 -9.33 29.50
N LEU B 502 30.69 -8.71 28.57
CA LEU B 502 31.99 -9.19 28.08
C LEU B 502 33.12 -8.38 28.65
N ALA B 503 32.84 -7.57 29.66
CA ALA B 503 33.84 -6.62 30.19
C ALA B 503 35.12 -7.36 30.62
N ASP B 504 34.97 -8.53 31.24
CA ASP B 504 36.12 -9.33 31.70
C ASP B 504 36.79 -10.12 30.60
N SER B 505 36.06 -10.54 29.58
CA SER B 505 36.67 -11.35 28.52
C SER B 505 37.27 -10.50 27.41
N GLN B 506 36.84 -9.24 27.28
CA GLN B 506 37.33 -8.37 26.22
C GLN B 506 37.70 -7.04 26.85
N PRO B 507 38.64 -7.05 27.80
CA PRO B 507 38.95 -5.83 28.52
C PRO B 507 39.66 -4.76 27.65
N GLY B 508 40.31 -5.18 26.59
CA GLY B 508 40.97 -4.24 25.66
C GLY B 508 39.93 -3.45 24.86
N LYS B 509 38.90 -4.14 24.43
CA LYS B 509 37.76 -3.51 23.74
C LYS B 509 37.03 -2.52 24.63
N LEU B 510 36.79 -2.88 25.89
CA LEU B 510 36.13 -1.93 26.82
C LEU B 510 36.93 -0.68 27.06
N ALA B 511 38.21 -0.88 27.32
CA ALA B 511 39.16 0.21 27.41
C ALA B 511 39.09 1.21 26.26
N GLU B 512 39.08 0.74 25.01
CA GLU B 512 38.96 1.64 23.85
C GLU B 512 37.68 2.43 23.91
N LEU B 513 36.59 1.74 24.27
CA LEU B 513 35.28 2.37 24.30
C LEU B 513 35.21 3.43 25.33
N ILE B 514 35.87 3.19 26.46
CA ILE B 514 35.92 4.23 27.49
C ILE B 514 36.70 5.45 26.99
N GLU B 515 37.76 5.26 26.22
CA GLU B 515 38.42 6.40 25.55
C GLU B 515 37.46 7.11 24.60
N HIS B 516 36.71 6.36 23.82
CA HIS B 516 35.69 7.02 23.03
C HIS B 516 34.68 7.82 23.81
N TRP B 517 34.28 7.28 24.96
CA TRP B 517 33.29 7.91 25.83
C TRP B 517 33.81 9.22 26.27
N LYS B 518 35.07 9.25 26.65
CA LYS B 518 35.66 10.52 27.15
C LYS B 518 35.69 11.59 26.08
N ARG B 519 36.00 11.19 24.85
CA ARG B 519 35.98 12.11 23.70
C ARG B 519 34.54 12.60 23.45
N TYR B 520 33.58 11.70 23.59
CA TYR B 520 32.15 12.08 23.48
C TYR B 520 31.77 13.12 24.47
N VAL B 521 32.09 12.87 25.72
CA VAL B 521 31.83 13.83 26.77
C VAL B 521 32.43 15.21 26.42
N SER B 522 33.68 15.15 26.01
CA SER B 522 34.43 16.33 25.60
C SER B 522 33.86 17.06 24.38
N ASP B 523 33.56 16.33 23.31
CA ASP B 523 33.03 16.93 22.09
C ASP B 523 31.64 17.50 22.25
N THR B 524 30.85 16.97 23.18
CA THR B 524 29.45 17.39 23.32
C THR B 524 29.04 18.14 24.59
N GLY B 525 29.94 18.24 25.57
CA GLY B 525 29.62 18.94 26.80
C GLY B 525 28.76 18.16 27.78
N VAL B 526 28.91 16.85 27.83
CA VAL B 526 28.20 16.08 28.85
C VAL B 526 28.62 16.46 30.30
N VAL B 527 27.65 16.76 31.15
CA VAL B 527 27.89 17.00 32.56
C VAL B 527 26.98 16.04 33.36
N GLU B 528 27.59 15.21 34.20
CA GLU B 528 26.87 14.39 35.20
C GLU B 528 27.13 14.93 36.61
N GLY B 529 26.18 14.75 37.54
CA GLY B 529 26.41 15.11 38.93
C GLY B 529 25.80 14.19 39.99
N ALA B 530 25.84 14.61 41.25
CA ALA B 530 25.34 13.79 42.36
C ALA B 530 23.81 13.75 42.51
N SER B 531 23.11 14.85 42.21
CA SER B 531 21.66 14.99 42.52
C SER B 531 20.75 13.92 41.86
N PRO B 532 19.68 13.49 42.58
CA PRO B 532 18.57 12.74 41.97
C PRO B 532 17.84 13.67 41.00
N PHE B 533 17.25 13.13 39.95
CA PHE B 533 16.55 13.96 38.99
C PHE B 533 15.13 14.13 39.42
N LEU B 534 14.89 15.19 40.18
CA LEU B 534 13.59 15.46 40.77
C LEU B 534 12.79 16.19 39.69
N VAL B 535 11.46 16.14 39.76
CA VAL B 535 10.62 16.91 38.80
C VAL B 535 10.43 18.36 39.31
N ARG B 536 10.98 19.32 38.57
CA ARG B 536 10.88 20.76 38.82
C ARG B 536 12.13 21.29 39.56
CA CA C . -12.22 -12.85 -21.11
OAA SV7 D . -14.32 -15.70 -25.39
PAB SV7 D . -14.05 -16.69 -24.21
OAC SV7 D . -12.83 -16.31 -23.59
OAD SV7 D . -15.13 -16.41 -23.33
CAE SV7 D . -14.06 -18.44 -24.86
CAF SV7 D . -14.64 -18.82 -26.07
CAG SV7 D . -14.63 -20.18 -26.46
CAH SV7 D . -14.04 -21.17 -25.67
CAI SV7 D . -13.48 -20.78 -24.46
CAJ SV7 D . -13.47 -19.44 -24.07
OAA SV7 E . -30.05 4.66 -10.25
PAB SV7 E . -30.20 3.98 -8.70
OAC SV7 E . -28.90 3.28 -8.35
OAD SV7 E . -30.54 5.17 -7.89
CAE SV7 E . -31.62 2.75 -8.94
CAF SV7 E . -31.76 2.17 -10.20
CAG SV7 E . -32.79 1.32 -10.42
CAH SV7 E . -33.66 0.99 -9.37
CAI SV7 E . -33.54 1.56 -8.10
CAJ SV7 E . -32.49 2.45 -7.88
C1 PEG F . -22.61 -13.06 -28.27
O1 PEG F . -22.05 -14.28 -27.75
C2 PEG F . -23.70 -12.52 -27.33
O2 PEG F . -25.01 -12.90 -27.75
C3 PEG F . -26.04 -12.27 -27.00
C4 PEG F . -27.20 -13.18 -26.61
O4 PEG F . -28.07 -12.50 -25.66
C1 PEG G . -11.11 -1.38 1.03
O1 PEG G . -12.51 -1.45 1.35
C2 PEG G . -10.92 -1.08 -0.44
O2 PEG G . -11.56 0.17 -0.74
C3 PEG G . -10.70 1.30 -0.53
C4 PEG G . -11.47 2.44 0.11
O4 PEG G . -10.88 3.65 -0.33
N NH4 H . -29.72 5.28 -11.85
CA CA I . 8.81 10.35 23.98
OAA SV7 J . 10.37 12.71 28.67
PAB SV7 J . 8.85 12.90 28.47
OAC SV7 J . 8.71 13.30 27.09
OAD SV7 J . 8.20 11.64 28.67
CAE SV7 J . 8.20 14.08 29.73
CAF SV7 J . 8.71 14.16 31.01
CAG SV7 J . 8.15 15.03 31.95
CAH SV7 J . 7.04 15.82 31.61
CAI SV7 J . 6.51 15.71 30.33
CAJ SV7 J . 7.08 14.82 29.41
OAA SV7 K . 12.89 -16.46 24.32
PAB SV7 K . 11.27 -17.11 24.21
OAC SV7 K . 10.41 -16.11 23.49
OAD SV7 K . 11.49 -18.40 23.53
CAE SV7 K . 10.82 -17.25 26.09
CAF SV7 K . 11.46 -16.38 26.98
CAG SV7 K . 11.20 -16.45 28.32
CAH SV7 K . 10.25 -17.37 28.77
CAI SV7 K . 9.59 -18.26 27.91
CAJ SV7 K . 9.90 -18.21 26.53
C1 PEG L . -0.61 -6.75 8.97
O1 PEG L . -1.09 -7.69 9.92
C2 PEG L . 0.82 -6.38 9.34
O2 PEG L . 1.72 -7.46 9.00
C3 PEG L . 2.42 -7.20 7.78
C4 PEG L . 3.12 -8.45 7.28
O4 PEG L . 2.17 -9.51 7.22
N NH4 M . 14.80 -15.92 24.58
#